data_1X5V
#
_entry.id   1X5V
#
_entity_poly.entity_id   1
_entity_poly.type   'polypeptide(L)'
_entity_poly.pdbx_seq_one_letter_code
;ACGILHDNCVYVPAQNPCCRGLQCRYGKCLVQV(HSL)
;
_entity_poly.pdbx_strand_id   A
#
# COMPACT_ATOMS: atom_id res chain seq x y z
N ALA A 1 6.17 3.02 10.05
CA ALA A 1 4.83 3.38 9.52
C ALA A 1 4.67 2.89 8.11
N CYS A 2 4.49 1.57 8.03
CA CYS A 2 4.25 0.91 6.75
C CYS A 2 2.81 1.08 6.38
N GLY A 3 2.63 1.37 5.09
CA GLY A 3 1.30 1.57 4.54
C GLY A 3 0.37 0.43 4.86
N ILE A 4 -0.79 0.77 5.39
CA ILE A 4 -1.76 -0.21 5.86
C ILE A 4 -2.97 -0.23 4.96
N LEU A 5 -3.84 -1.18 5.32
CA LEU A 5 -4.99 -1.60 4.51
C LEU A 5 -5.92 -0.47 4.14
N HIS A 6 -5.70 0.67 4.79
CA HIS A 6 -6.49 1.87 4.51
C HIS A 6 -5.66 3.11 4.72
N ASP A 7 -4.42 3.00 4.25
CA ASP A 7 -3.51 4.13 4.27
C ASP A 7 -3.34 4.62 2.86
N ASN A 8 -3.68 5.90 2.71
CA ASN A 8 -3.65 6.59 1.41
C ASN A 8 -2.29 6.44 0.78
N CYS A 9 -2.32 5.97 -0.46
CA CYS A 9 -1.09 5.64 -1.19
C CYS A 9 -1.34 5.61 -2.67
N VAL A 10 -0.24 5.54 -3.39
CA VAL A 10 -0.26 5.43 -4.86
C VAL A 10 0.45 4.17 -5.26
N TYR A 11 0.06 3.69 -6.44
CA TYR A 11 0.54 2.41 -6.95
C TYR A 11 1.97 2.54 -7.41
N VAL A 12 2.85 2.55 -6.42
CA VAL A 12 4.30 2.53 -6.66
C VAL A 12 4.94 1.41 -5.86
N PRO A 13 4.81 0.19 -6.42
CA PRO A 13 5.30 -1.04 -5.76
C PRO A 13 6.79 -1.06 -5.61
N ALA A 14 7.43 -0.41 -6.60
CA ALA A 14 8.89 -0.36 -6.70
C ALA A 14 9.52 0.10 -5.41
N GLN A 15 8.77 0.96 -4.74
CA GLN A 15 9.17 1.49 -3.45
C GLN A 15 7.98 1.44 -2.53
N ASN A 16 7.45 0.22 -2.44
CA ASN A 16 6.29 -0.09 -1.60
C ASN A 16 6.55 0.34 -0.17
N PRO A 17 5.76 1.31 0.29
CA PRO A 17 5.85 1.86 1.65
C PRO A 17 5.04 1.08 2.65
N CYS A 18 4.34 0.11 2.10
CA CYS A 18 3.36 -0.67 2.85
C CYS A 18 4.00 -1.82 3.55
N CYS A 19 3.20 -2.37 4.46
CA CYS A 19 3.57 -3.58 5.17
C CYS A 19 3.47 -4.73 4.21
N ARG A 20 4.54 -5.53 4.20
CA ARG A 20 4.67 -6.65 3.26
C ARG A 20 3.48 -7.56 3.35
N GLY A 21 2.70 -7.47 2.28
CA GLY A 21 1.44 -8.16 2.19
C GLY A 21 0.35 -7.22 1.70
N LEU A 22 0.63 -5.93 1.78
CA LEU A 22 -0.29 -4.90 1.33
C LEU A 22 0.29 -4.24 0.11
N GLN A 23 -0.62 -3.79 -0.76
CA GLN A 23 -0.22 -3.21 -2.04
C GLN A 23 -1.02 -1.97 -2.32
N CYS A 24 -0.27 -0.92 -2.62
CA CYS A 24 -0.83 0.41 -2.88
C CYS A 24 -1.63 0.41 -4.15
N ARG A 25 -2.85 0.88 -3.97
CA ARG A 25 -3.74 1.23 -5.06
C ARG A 25 -3.85 2.73 -5.09
N TYR A 26 -4.04 3.25 -6.30
CA TYR A 26 -4.16 4.69 -6.53
C TYR A 26 -5.27 5.27 -5.66
N GLY A 27 -4.83 5.66 -4.48
CA GLY A 27 -5.73 6.18 -3.48
C GLY A 27 -5.37 5.66 -2.09
N LYS A 28 -5.23 4.35 -1.98
CA LYS A 28 -4.98 3.70 -0.71
C LYS A 28 -4.29 2.39 -0.92
N CYS A 29 -3.56 2.01 0.12
CA CYS A 29 -2.85 0.75 0.14
C CYS A 29 -3.81 -0.35 0.49
N LEU A 30 -4.01 -1.21 -0.50
CA LEU A 30 -4.97 -2.31 -0.39
C LEU A 30 -4.33 -3.48 0.31
N VAL A 31 -5.14 -4.03 1.21
CA VAL A 31 -4.79 -5.27 1.88
C VAL A 31 -5.01 -6.40 0.91
N GLN A 32 -3.88 -6.90 0.41
CA GLN A 32 -3.88 -7.91 -0.64
C GLN A 32 -4.29 -9.25 -0.08
N VAL A 33 -5.55 -9.27 0.33
CA VAL A 33 -6.19 -10.50 0.79
C VAL A 33 -7.42 -10.74 -0.03
N ALA A 1 7.53 1.33 9.93
CA ALA A 1 6.56 2.42 9.66
C ALA A 1 6.04 2.33 8.24
N CYS A 2 5.39 1.19 7.99
CA CYS A 2 4.80 0.90 6.68
C CYS A 2 3.38 1.39 6.65
N GLY A 3 2.92 1.63 5.43
CA GLY A 3 1.54 2.02 5.21
C GLY A 3 0.58 0.87 5.50
N ILE A 4 -0.65 1.22 5.89
CA ILE A 4 -1.61 0.19 6.28
C ILE A 4 -2.71 0.04 5.24
N LEU A 5 -3.45 -1.03 5.46
CA LEU A 5 -4.44 -1.57 4.50
C LEU A 5 -5.65 -0.68 4.33
N HIS A 6 -5.52 0.54 4.82
CA HIS A 6 -6.55 1.56 4.61
C HIS A 6 -5.97 2.93 4.83
N ASP A 7 -4.74 3.05 4.34
CA ASP A 7 -4.01 4.32 4.38
C ASP A 7 -3.67 4.71 2.97
N ASN A 8 -3.84 6.01 2.71
CA ASN A 8 -3.60 6.60 1.39
C ASN A 8 -2.20 6.29 0.94
N CYS A 9 -2.11 5.90 -0.32
CA CYS A 9 -0.86 5.46 -0.91
C CYS A 9 -0.94 5.57 -2.41
N VAL A 10 0.21 5.94 -2.97
CA VAL A 10 0.36 6.06 -4.41
C VAL A 10 0.61 4.71 -4.99
N TYR A 11 0.13 4.55 -6.22
CA TYR A 11 0.25 3.29 -6.96
C TYR A 11 1.67 3.11 -7.41
N VAL A 12 2.52 2.86 -6.42
CA VAL A 12 3.93 2.60 -6.64
C VAL A 12 4.34 1.34 -5.90
N PRO A 13 4.03 0.20 -6.54
CA PRO A 13 4.32 -1.13 -5.97
C PRO A 13 5.80 -1.43 -5.91
N ALA A 14 6.51 -0.86 -6.89
CA ALA A 14 7.95 -1.09 -7.04
C ALA A 14 8.66 -0.78 -5.77
N GLN A 15 8.27 0.35 -5.19
CA GLN A 15 8.79 0.77 -3.90
C GLN A 15 7.64 0.92 -2.93
N ASN A 16 6.85 -0.17 -2.90
CA ASN A 16 5.68 -0.27 -2.03
C ASN A 16 6.05 0.08 -0.61
N PRO A 17 5.53 1.23 -0.14
CA PRO A 17 5.81 1.75 1.20
C PRO A 17 4.83 1.24 2.23
N CYS A 18 3.98 0.35 1.75
CA CYS A 18 2.96 -0.26 2.58
C CYS A 18 3.53 -1.52 3.16
N CYS A 19 2.86 -1.99 4.22
CA CYS A 19 3.27 -3.21 4.91
C CYS A 19 3.23 -4.36 3.96
N ARG A 20 4.36 -5.06 3.93
CA ARG A 20 4.59 -6.17 3.00
C ARG A 20 3.50 -7.20 3.15
N GLY A 21 2.76 -7.33 2.06
CA GLY A 21 1.59 -8.17 2.03
C GLY A 21 0.37 -7.38 1.62
N LEU A 22 0.50 -6.06 1.73
CA LEU A 22 -0.54 -5.14 1.29
C LEU A 22 -0.06 -4.45 0.04
N GLN A 23 -1.04 -4.12 -0.80
CA GLN A 23 -0.76 -3.56 -2.11
C GLN A 23 -1.34 -2.17 -2.21
N CYS A 24 -0.45 -1.25 -2.53
CA CYS A 24 -0.82 0.15 -2.68
C CYS A 24 -1.52 0.38 -3.99
N ARG A 25 -2.82 0.57 -3.85
CA ARG A 25 -3.66 0.97 -4.97
C ARG A 25 -3.60 2.46 -5.09
N TYR A 26 -3.76 2.90 -6.34
CA TYR A 26 -3.75 4.32 -6.68
C TYR A 26 -4.82 5.04 -5.89
N GLY A 27 -4.38 5.47 -4.72
CA GLY A 27 -5.25 6.15 -3.79
C GLY A 27 -4.95 5.73 -2.36
N LYS A 28 -4.88 4.42 -2.13
CA LYS A 28 -4.62 3.88 -0.81
C LYS A 28 -4.17 2.45 -0.92
N CYS A 29 -3.54 2.00 0.14
CA CYS A 29 -3.07 0.63 0.23
C CYS A 29 -4.21 -0.25 0.65
N LEU A 30 -4.24 -1.42 0.01
CA LEU A 30 -5.27 -2.42 0.27
C LEU A 30 -4.62 -3.75 0.53
N VAL A 31 -5.46 -4.65 1.03
CA VAL A 31 -5.02 -6.01 1.35
C VAL A 31 -5.00 -6.85 0.11
N GLN A 32 -3.90 -7.59 -0.01
CA GLN A 32 -3.77 -8.60 -1.05
C GLN A 32 -4.56 -9.80 -0.63
N VAL A 33 -5.65 -10.00 -1.35
CA VAL A 33 -6.60 -11.05 -1.05
C VAL A 33 -6.06 -12.37 -1.56
N ALA A 1 6.22 5.14 8.87
CA ALA A 1 4.86 5.16 8.29
C ALA A 1 4.72 4.12 7.22
N CYS A 2 4.27 2.95 7.65
CA CYS A 2 4.05 1.82 6.75
C CYS A 2 2.62 1.88 6.25
N GLY A 3 2.50 1.59 4.96
CA GLY A 3 1.21 1.62 4.31
C GLY A 3 0.29 0.52 4.79
N ILE A 4 -0.84 0.91 5.36
CA ILE A 4 -1.80 -0.02 5.94
C ILE A 4 -3.10 0.04 5.18
N LEU A 5 -3.97 -0.92 5.53
CA LEU A 5 -5.15 -1.27 4.73
C LEU A 5 -6.12 -0.12 4.59
N HIS A 6 -5.93 0.87 5.46
CA HIS A 6 -6.70 2.11 5.37
C HIS A 6 -5.77 3.29 5.47
N ASP A 7 -4.78 3.23 4.59
CA ASP A 7 -3.84 4.34 4.41
C ASP A 7 -3.74 4.69 2.95
N ASN A 8 -3.80 5.99 2.72
CA ASN A 8 -3.74 6.53 1.36
C ASN A 8 -2.33 6.42 0.84
N CYS A 9 -2.24 5.87 -0.36
CA CYS A 9 -0.96 5.55 -0.96
C CYS A 9 -1.03 5.67 -2.46
N VAL A 10 0.03 6.27 -2.99
CA VAL A 10 0.20 6.39 -4.44
C VAL A 10 0.99 5.21 -4.95
N TYR A 11 0.49 4.67 -6.07
CA TYR A 11 0.98 3.41 -6.62
C TYR A 11 2.42 3.53 -7.08
N VAL A 12 3.28 3.31 -6.10
CA VAL A 12 4.72 3.20 -6.34
C VAL A 12 5.21 1.89 -5.77
N PRO A 13 5.46 0.92 -6.68
CA PRO A 13 5.85 -0.43 -6.29
C PRO A 13 7.29 -0.54 -5.84
N ALA A 14 8.15 0.08 -6.64
CA ALA A 14 9.60 0.01 -6.42
C ALA A 14 9.94 0.57 -5.07
N GLN A 15 9.32 1.70 -4.77
CA GLN A 15 9.47 2.36 -3.48
C GLN A 15 8.20 2.20 -2.69
N ASN A 16 7.67 0.99 -2.77
CA ASN A 16 6.45 0.62 -2.03
C ASN A 16 6.67 0.77 -0.55
N PRO A 17 5.97 1.76 0.03
CA PRO A 17 6.04 2.07 1.46
C PRO A 17 4.97 1.35 2.24
N CYS A 18 4.33 0.45 1.50
CA CYS A 18 3.20 -0.32 2.01
C CYS A 18 3.70 -1.62 2.57
N CYS A 19 3.09 -2.00 3.69
CA CYS A 19 3.46 -3.23 4.39
C CYS A 19 3.23 -4.40 3.48
N ARG A 20 4.31 -5.17 3.32
CA ARG A 20 4.32 -6.33 2.41
C ARG A 20 3.21 -7.28 2.77
N GLY A 21 2.41 -7.54 1.75
CA GLY A 21 1.18 -8.27 1.93
C GLY A 21 0.01 -7.39 1.60
N LEU A 22 0.17 -6.12 1.92
CA LEU A 22 -0.77 -5.09 1.53
C LEU A 22 -0.16 -4.35 0.38
N GLN A 23 -0.97 -4.20 -0.65
CA GLN A 23 -0.51 -3.57 -1.88
C GLN A 23 -1.00 -2.15 -1.93
N CYS A 24 -0.03 -1.30 -2.23
CA CYS A 24 -0.28 0.11 -2.42
C CYS A 24 -0.93 0.32 -3.76
N ARG A 25 -2.25 0.51 -3.69
CA ARG A 25 -3.07 0.73 -4.86
C ARG A 25 -3.32 2.21 -4.99
N TYR A 26 -3.58 2.60 -6.24
CA TYR A 26 -3.80 4.01 -6.61
C TYR A 26 -4.81 4.65 -5.69
N GLY A 27 -4.25 5.27 -4.66
CA GLY A 27 -5.06 6.03 -3.73
C GLY A 27 -4.95 5.50 -2.31
N LYS A 28 -4.83 4.19 -2.17
CA LYS A 28 -4.86 3.56 -0.85
C LYS A 28 -4.23 2.19 -0.89
N CYS A 29 -3.69 1.85 0.27
CA CYS A 29 -3.14 0.52 0.50
C CYS A 29 -4.25 -0.42 0.82
N LEU A 30 -4.23 -1.54 0.10
CA LEU A 30 -5.24 -2.57 0.26
C LEU A 30 -4.58 -3.91 0.43
N VAL A 31 -5.16 -4.65 1.37
CA VAL A 31 -4.71 -6.01 1.66
C VAL A 31 -5.01 -6.89 0.46
N GLN A 32 -4.13 -7.88 0.29
CA GLN A 32 -4.30 -8.86 -0.76
C GLN A 32 -5.37 -9.82 -0.35
N VAL A 33 -6.57 -9.50 -0.83
CA VAL A 33 -7.77 -10.23 -0.49
C VAL A 33 -7.86 -11.47 -1.34
N ALA A 1 6.70 3.01 10.38
CA ALA A 1 5.25 3.08 10.08
C ALA A 1 5.01 2.85 8.62
N CYS A 2 4.76 1.57 8.33
CA CYS A 2 4.46 1.13 6.97
C CYS A 2 3.05 1.54 6.62
N GLY A 3 2.80 1.50 5.32
CA GLY A 3 1.45 1.69 4.83
C GLY A 3 0.56 0.54 5.23
N ILE A 4 -0.70 0.84 5.51
CA ILE A 4 -1.66 -0.18 5.95
C ILE A 4 -2.90 -0.15 5.08
N LEU A 5 -3.81 -1.05 5.46
CA LEU A 5 -4.98 -1.45 4.66
C LEU A 5 -5.88 -0.31 4.24
N HIS A 6 -5.61 0.87 4.80
CA HIS A 6 -6.39 2.05 4.45
C HIS A 6 -5.54 3.29 4.51
N ASP A 7 -4.28 3.08 4.13
CA ASP A 7 -3.34 4.19 4.02
C ASP A 7 -3.39 4.73 2.64
N ASN A 8 -3.86 5.97 2.58
CA ASN A 8 -3.97 6.71 1.32
C ASN A 8 -2.60 6.85 0.72
N CYS A 9 -2.44 6.15 -0.38
CA CYS A 9 -1.12 5.86 -0.92
C CYS A 9 -1.17 5.85 -2.42
N VAL A 10 -0.09 6.37 -2.98
CA VAL A 10 0.09 6.41 -4.43
C VAL A 10 0.61 5.06 -4.90
N TYR A 11 0.18 4.72 -6.11
CA TYR A 11 0.52 3.44 -6.71
C TYR A 11 1.97 3.42 -7.11
N VAL A 12 2.79 3.20 -6.08
CA VAL A 12 4.22 3.05 -6.25
C VAL A 12 4.68 1.75 -5.63
N PRO A 13 4.48 0.66 -6.40
CA PRO A 13 4.76 -0.70 -5.91
C PRO A 13 6.23 -0.99 -5.79
N ALA A 14 6.97 -0.42 -6.75
CA ALA A 14 8.40 -0.64 -6.86
C ALA A 14 9.12 -0.10 -5.65
N GLN A 15 8.48 0.89 -5.05
CA GLN A 15 8.97 1.50 -3.82
C GLN A 15 7.85 1.54 -2.82
N ASN A 16 7.12 0.42 -2.78
CA ASN A 16 5.96 0.25 -1.91
C ASN A 16 6.39 0.32 -0.46
N PRO A 17 5.96 1.40 0.21
CA PRO A 17 6.26 1.64 1.62
C PRO A 17 5.22 1.05 2.53
N CYS A 18 4.45 0.17 1.92
CA CYS A 18 3.36 -0.50 2.59
C CYS A 18 3.83 -1.87 3.02
N CYS A 19 3.24 -2.30 4.13
CA CYS A 19 3.61 -3.58 4.76
C CYS A 19 3.36 -4.74 3.82
N ARG A 20 4.15 -5.78 4.07
CA ARG A 20 4.13 -7.00 3.27
C ARG A 20 2.77 -7.65 3.34
N GLY A 21 2.18 -7.75 2.17
CA GLY A 21 0.85 -8.31 2.05
C GLY A 21 -0.16 -7.23 1.75
N LEU A 22 0.33 -6.01 1.60
CA LEU A 22 -0.50 -4.87 1.27
C LEU A 22 0.10 -4.14 0.09
N GLN A 23 -0.79 -3.72 -0.80
CA GLN A 23 -0.40 -3.07 -2.05
C GLN A 23 -1.04 -1.71 -2.15
N CYS A 24 -0.15 -0.73 -2.33
CA CYS A 24 -0.56 0.66 -2.56
C CYS A 24 -1.16 0.79 -3.93
N ARG A 25 -2.49 0.75 -3.94
CA ARG A 25 -3.25 0.92 -5.17
C ARG A 25 -3.75 2.33 -5.22
N TYR A 26 -4.02 2.76 -6.46
CA TYR A 26 -4.47 4.13 -6.77
C TYR A 26 -5.53 4.58 -5.79
N GLY A 27 -5.03 5.28 -4.78
CA GLY A 27 -5.89 5.79 -3.73
C GLY A 27 -5.36 5.43 -2.36
N LYS A 28 -5.18 4.13 -2.12
CA LYS A 28 -4.72 3.65 -0.82
C LYS A 28 -4.17 2.26 -0.97
N CYS A 29 -3.44 1.89 0.06
CA CYS A 29 -2.88 0.55 0.14
C CYS A 29 -3.94 -0.38 0.65
N LEU A 30 -4.04 -1.51 -0.03
CA LEU A 30 -5.02 -2.53 0.32
C LEU A 30 -4.32 -3.85 0.59
N VAL A 31 -4.96 -4.61 1.47
CA VAL A 31 -4.45 -5.92 1.88
C VAL A 31 -4.64 -6.92 0.78
N GLN A 32 -3.59 -7.02 -0.03
CA GLN A 32 -3.56 -7.97 -1.13
C GLN A 32 -3.53 -9.37 -0.59
N VAL A 33 -4.59 -10.09 -0.93
CA VAL A 33 -4.78 -11.47 -0.47
C VAL A 33 -3.96 -12.41 -1.31
N ALA A 1 6.33 5.61 8.60
CA ALA A 1 5.18 4.71 8.89
C ALA A 1 5.09 3.62 7.86
N CYS A 2 4.58 2.49 8.33
CA CYS A 2 4.28 1.36 7.46
C CYS A 2 2.86 1.47 7.01
N GLY A 3 2.73 1.51 5.69
CA GLY A 3 1.41 1.64 5.07
C GLY A 3 0.47 0.55 5.51
N ILE A 4 -0.67 0.95 6.07
CA ILE A 4 -1.65 0.01 6.56
C ILE A 4 -2.65 -0.33 5.47
N LEU A 5 -3.48 -1.29 5.82
CA LEU A 5 -4.36 -1.99 4.87
C LEU A 5 -5.43 -1.09 4.30
N HIS A 6 -5.32 0.19 4.65
CA HIS A 6 -6.18 1.23 4.08
C HIS A 6 -5.54 2.57 4.30
N ASP A 7 -4.25 2.61 4.00
CA ASP A 7 -3.47 3.84 4.11
C ASP A 7 -3.25 4.40 2.73
N ASN A 8 -3.55 5.71 2.64
CA ASN A 8 -3.41 6.45 1.37
C ASN A 8 -2.01 6.33 0.82
N CYS A 9 -1.97 6.03 -0.47
CA CYS A 9 -0.71 5.89 -1.20
C CYS A 9 -1.00 5.78 -2.67
N VAL A 10 -0.08 6.36 -3.44
CA VAL A 10 -0.16 6.30 -4.89
C VAL A 10 0.40 4.99 -5.37
N TYR A 11 -0.06 4.61 -6.56
CA TYR A 11 0.28 3.34 -7.16
C TYR A 11 1.70 3.39 -7.66
N VAL A 12 2.61 3.28 -6.68
CA VAL A 12 4.04 3.22 -6.96
C VAL A 12 4.66 2.13 -6.12
N PRO A 13 4.68 0.91 -6.70
CA PRO A 13 5.25 -0.27 -6.05
C PRO A 13 6.71 -0.08 -5.73
N ALA A 14 7.38 0.56 -6.68
CA ALA A 14 8.81 0.87 -6.57
C ALA A 14 9.12 1.56 -5.26
N GLN A 15 8.17 2.40 -4.86
CA GLN A 15 8.32 3.20 -3.65
C GLN A 15 7.19 2.90 -2.71
N ASN A 16 6.83 1.62 -2.67
CA ASN A 16 5.76 1.15 -1.79
C ASN A 16 6.22 1.17 -0.37
N PRO A 17 5.56 2.03 0.44
CA PRO A 17 5.84 2.17 1.86
C PRO A 17 4.88 1.38 2.71
N CYS A 18 4.13 0.53 2.04
CA CYS A 18 3.06 -0.23 2.67
C CYS A 18 3.58 -1.55 3.15
N CYS A 19 2.95 -2.02 4.24
CA CYS A 19 3.33 -3.27 4.87
C CYS A 19 3.18 -4.41 3.88
N ARG A 20 4.13 -5.34 4.00
CA ARG A 20 4.23 -6.47 3.07
C ARG A 20 2.97 -7.30 3.11
N GLY A 21 2.48 -7.58 1.91
CA GLY A 21 1.23 -8.27 1.74
C GLY A 21 0.12 -7.32 1.35
N LEU A 22 0.32 -6.05 1.67
CA LEU A 22 -0.63 -5.00 1.36
C LEU A 22 -0.19 -4.32 0.09
N GLN A 23 -1.17 -4.08 -0.77
CA GLN A 23 -0.89 -3.55 -2.10
C GLN A 23 -1.51 -2.19 -2.24
N CYS A 24 -0.68 -1.29 -2.76
CA CYS A 24 -1.08 0.10 -2.95
C CYS A 24 -1.79 0.26 -4.26
N ARG A 25 -3.06 0.62 -4.11
CA ARG A 25 -3.88 1.06 -5.24
C ARG A 25 -3.66 2.55 -5.34
N TYR A 26 -3.95 3.07 -6.53
CA TYR A 26 -3.67 4.48 -6.82
C TYR A 26 -4.57 5.36 -6.00
N GLY A 27 -4.16 5.50 -4.76
CA GLY A 27 -4.89 6.32 -3.80
C GLY A 27 -4.82 5.73 -2.40
N LYS A 28 -4.79 4.40 -2.30
CA LYS A 28 -4.83 3.73 -1.01
C LYS A 28 -4.27 2.34 -1.14
N CYS A 29 -3.59 1.96 -0.07
CA CYS A 29 -3.08 0.60 0.06
C CYS A 29 -4.14 -0.24 0.70
N LEU A 30 -4.23 -1.46 0.20
CA LEU A 30 -5.23 -2.42 0.65
C LEU A 30 -4.58 -3.76 0.79
N VAL A 31 -4.96 -4.44 1.87
CA VAL A 31 -4.46 -5.76 2.18
C VAL A 31 -4.97 -6.76 1.18
N GLN A 32 -4.00 -7.26 0.40
CA GLN A 32 -4.29 -8.26 -0.62
C GLN A 32 -4.21 -9.62 0.02
N VAL A 33 -5.40 -10.15 0.25
CA VAL A 33 -5.55 -11.45 0.88
C VAL A 33 -6.82 -12.10 0.38
N ALA A 1 8.02 3.27 8.88
CA ALA A 1 6.88 2.36 9.15
C ALA A 1 6.13 2.08 7.89
N CYS A 2 5.51 0.90 7.88
CA CYS A 2 4.77 0.45 6.71
C CYS A 2 3.33 0.90 6.83
N GLY A 3 2.82 1.34 5.68
CA GLY A 3 1.45 1.79 5.60
C GLY A 3 0.46 0.67 5.81
N ILE A 4 -0.71 1.03 6.33
CA ILE A 4 -1.74 0.06 6.66
C ILE A 4 -2.69 -0.12 5.50
N LEU A 5 -3.49 -1.17 5.63
CA LEU A 5 -4.40 -1.64 4.56
C LEU A 5 -5.54 -0.68 4.31
N HIS A 6 -5.34 0.55 4.75
CA HIS A 6 -6.26 1.64 4.47
C HIS A 6 -5.57 2.97 4.71
N ASP A 7 -4.32 2.99 4.24
CA ASP A 7 -3.52 4.21 4.27
C ASP A 7 -3.22 4.62 2.85
N ASN A 8 -3.03 5.92 2.68
CA ASN A 8 -2.93 6.55 1.37
C ASN A 8 -1.58 6.32 0.75
N CYS A 9 -1.65 5.92 -0.51
CA CYS A 9 -0.46 5.64 -1.32
C CYS A 9 -0.90 5.14 -2.66
N VAL A 10 -0.41 5.85 -3.69
CA VAL A 10 -0.80 5.59 -5.07
C VAL A 10 -0.02 4.41 -5.62
N TYR A 11 0.03 4.36 -6.95
CA TYR A 11 0.67 3.27 -7.66
C TYR A 11 2.17 3.31 -7.48
N VAL A 12 2.56 2.90 -6.28
CA VAL A 12 3.96 2.79 -5.92
C VAL A 12 4.25 1.41 -5.36
N PRO A 13 4.43 0.45 -6.28
CA PRO A 13 4.76 -0.93 -5.93
C PRO A 13 6.21 -1.08 -5.52
N ALA A 14 7.07 -0.62 -6.43
CA ALA A 14 8.51 -0.71 -6.24
C ALA A 14 8.93 0.07 -5.03
N GLN A 15 8.21 1.17 -4.84
CA GLN A 15 8.43 2.05 -3.71
C GLN A 15 7.28 1.93 -2.74
N ASN A 16 6.83 0.67 -2.60
CA ASN A 16 5.72 0.35 -1.70
C ASN A 16 6.11 0.63 -0.27
N PRO A 17 5.42 1.64 0.30
CA PRO A 17 5.64 2.06 1.68
C PRO A 17 4.73 1.34 2.65
N CYS A 18 3.89 0.50 2.06
CA CYS A 18 2.86 -0.23 2.80
C CYS A 18 3.44 -1.51 3.32
N CYS A 19 2.74 -2.05 4.32
CA CYS A 19 3.15 -3.28 4.98
C CYS A 19 3.15 -4.42 4.01
N ARG A 20 4.23 -5.19 4.09
CA ARG A 20 4.45 -6.35 3.23
C ARG A 20 3.32 -7.33 3.41
N GLY A 21 2.61 -7.50 2.31
CA GLY A 21 1.38 -8.26 2.29
C GLY A 21 0.24 -7.43 1.77
N LEU A 22 0.47 -6.12 1.70
CA LEU A 22 -0.52 -5.18 1.22
C LEU A 22 0.05 -4.47 0.00
N GLN A 23 -0.87 -3.92 -0.80
CA GLN A 23 -0.51 -3.26 -2.05
C GLN A 23 -1.20 -1.93 -2.14
N CYS A 24 -0.41 -0.95 -2.54
CA CYS A 24 -0.89 0.41 -2.74
C CYS A 24 -1.51 0.54 -4.10
N ARG A 25 -2.80 0.90 -4.06
CA ARG A 25 -3.57 1.15 -5.26
C ARG A 25 -3.87 2.62 -5.33
N TYR A 26 -4.29 3.04 -6.53
CA TYR A 26 -4.62 4.44 -6.83
C TYR A 26 -5.46 5.03 -5.73
N GLY A 27 -4.74 5.66 -4.81
CA GLY A 27 -5.36 6.31 -3.69
C GLY A 27 -4.80 5.81 -2.37
N LYS A 28 -4.84 4.50 -2.16
CA LYS A 28 -4.46 3.92 -0.88
C LYS A 28 -4.13 2.46 -1.04
N CYS A 29 -3.51 1.96 0.03
CA CYS A 29 -3.08 0.59 0.13
C CYS A 29 -4.21 -0.27 0.64
N LEU A 30 -4.27 -1.46 0.05
CA LEU A 30 -5.25 -2.47 0.43
C LEU A 30 -4.57 -3.81 0.50
N VAL A 31 -5.34 -4.79 0.95
CA VAL A 31 -4.86 -6.17 1.04
C VAL A 31 -4.62 -6.70 -0.35
N GLN A 32 -3.49 -7.39 -0.48
CA GLN A 32 -3.10 -7.92 -1.78
C GLN A 32 -3.69 -9.31 -1.95
N VAL A 33 -4.58 -9.38 -2.93
CA VAL A 33 -5.16 -10.66 -3.34
C VAL A 33 -4.23 -11.32 -4.32
N ALA A 1 8.02 2.77 7.27
CA ALA A 1 6.70 3.36 6.95
C ALA A 1 5.82 2.34 6.30
N CYS A 2 5.04 1.68 7.16
CA CYS A 2 4.09 0.67 6.72
C CYS A 2 2.75 1.29 6.43
N GLY A 3 2.44 1.28 5.15
CA GLY A 3 1.10 1.63 4.71
C GLY A 3 0.11 0.54 5.05
N ILE A 4 -0.94 0.90 5.79
CA ILE A 4 -1.95 -0.06 6.25
C ILE A 4 -3.06 -0.16 5.22
N LEU A 5 -4.00 -1.07 5.55
CA LEU A 5 -5.03 -1.53 4.60
C LEU A 5 -6.08 -0.46 4.35
N HIS A 6 -5.76 0.73 4.82
CA HIS A 6 -6.56 1.92 4.56
C HIS A 6 -5.71 3.14 4.79
N ASP A 7 -4.49 3.02 4.28
CA ASP A 7 -3.51 4.09 4.35
C ASP A 7 -3.22 4.58 2.96
N ASN A 8 -3.14 5.91 2.88
CA ASN A 8 -2.98 6.59 1.59
C ASN A 8 -1.63 6.31 1.01
N CYS A 9 -1.67 5.93 -0.27
CA CYS A 9 -0.44 5.63 -1.02
C CYS A 9 -0.66 5.87 -2.49
N VAL A 10 0.44 6.32 -3.11
CA VAL A 10 0.52 6.42 -4.56
C VAL A 10 1.05 5.10 -5.08
N TYR A 11 0.44 4.66 -6.17
CA TYR A 11 0.69 3.32 -6.69
C TYR A 11 2.09 3.21 -7.27
N VAL A 12 3.02 3.06 -6.35
CA VAL A 12 4.42 2.84 -6.68
C VAL A 12 4.92 1.60 -5.99
N PRO A 13 5.09 0.53 -6.79
CA PRO A 13 5.60 -0.76 -6.28
C PRO A 13 7.06 -0.70 -5.93
N ALA A 14 7.78 0.04 -6.78
CA ALA A 14 9.23 0.17 -6.70
C ALA A 14 9.66 0.48 -5.30
N GLN A 15 9.02 1.52 -4.77
CA GLN A 15 9.19 1.90 -3.37
C GLN A 15 7.84 1.84 -2.71
N ASN A 16 7.31 0.61 -2.73
CA ASN A 16 6.00 0.33 -2.13
C ASN A 16 5.97 0.77 -0.68
N PRO A 17 5.06 1.73 -0.41
CA PRO A 17 4.90 2.34 0.92
C PRO A 17 4.08 1.47 1.85
N CYS A 18 3.41 0.51 1.23
CA CYS A 18 2.51 -0.38 1.94
C CYS A 18 3.31 -1.44 2.64
N CYS A 19 2.78 -1.83 3.80
CA CYS A 19 3.42 -2.84 4.62
C CYS A 19 3.37 -4.15 3.89
N ARG A 20 4.45 -4.91 4.10
CA ARG A 20 4.67 -6.15 3.36
C ARG A 20 3.52 -7.09 3.56
N GLY A 21 2.79 -7.24 2.47
CA GLY A 21 1.59 -8.05 2.45
C GLY A 21 0.40 -7.27 1.93
N LEU A 22 0.59 -5.96 1.81
CA LEU A 22 -0.45 -5.09 1.31
C LEU A 22 -0.05 -4.52 -0.03
N GLN A 23 -1.08 -4.34 -0.85
CA GLN A 23 -0.92 -3.84 -2.21
C GLN A 23 -1.39 -2.41 -2.28
N CYS A 24 -0.60 -1.61 -2.98
CA CYS A 24 -0.88 -0.19 -3.10
C CYS A 24 -1.69 0.07 -4.33
N ARG A 25 -2.93 0.43 -4.05
CA ARG A 25 -3.84 0.92 -5.07
C ARG A 25 -3.79 2.40 -5.02
N TYR A 26 -3.75 3.00 -6.22
CA TYR A 26 -3.61 4.45 -6.35
C TYR A 26 -4.62 5.16 -5.49
N GLY A 27 -4.12 5.55 -4.32
CA GLY A 27 -4.93 6.20 -3.33
C GLY A 27 -4.69 5.64 -1.94
N LYS A 28 -4.67 4.30 -1.84
CA LYS A 28 -4.57 3.63 -0.55
C LYS A 28 -4.09 2.21 -0.71
N CYS A 29 -3.47 1.76 0.37
CA CYS A 29 -3.01 0.38 0.49
C CYS A 29 -4.18 -0.50 0.85
N LEU A 30 -4.18 -1.66 0.19
CA LEU A 30 -5.21 -2.66 0.40
C LEU A 30 -4.56 -3.98 0.65
N VAL A 31 -5.35 -4.89 1.21
CA VAL A 31 -4.91 -6.24 1.53
C VAL A 31 -4.65 -7.02 0.26
N GLN A 32 -3.37 -7.31 0.05
CA GLN A 32 -2.93 -8.04 -1.14
C GLN A 32 -3.06 -9.51 -0.89
N VAL A 33 -4.32 -9.90 -0.72
CA VAL A 33 -4.69 -11.30 -0.55
C VAL A 33 -5.88 -11.60 -1.42
N ALA A 1 6.26 4.08 9.69
CA ALA A 1 4.91 3.49 9.49
C ALA A 1 4.68 3.18 8.04
N CYS A 2 4.55 1.89 7.79
CA CYS A 2 4.26 1.40 6.44
C CYS A 2 2.79 1.51 6.16
N GLY A 3 2.51 1.56 4.85
CA GLY A 3 1.15 1.69 4.37
C GLY A 3 0.28 0.52 4.75
N ILE A 4 -0.85 0.83 5.38
CA ILE A 4 -1.79 -0.18 5.84
C ILE A 4 -3.03 -0.16 4.98
N LEU A 5 -3.90 -1.11 5.31
CA LEU A 5 -5.08 -1.46 4.50
C LEU A 5 -6.10 -0.34 4.40
N HIS A 6 -5.75 0.79 4.99
CA HIS A 6 -6.60 2.00 4.90
C HIS A 6 -5.75 3.22 5.03
N ASP A 7 -4.56 3.10 4.45
CA ASP A 7 -3.60 4.19 4.45
C ASP A 7 -3.45 4.71 3.05
N ASN A 8 -3.40 6.04 2.98
CA ASN A 8 -3.21 6.76 1.72
C ASN A 8 -1.92 6.31 1.07
N CYS A 9 -2.05 6.01 -0.22
CA CYS A 9 -0.91 5.49 -0.95
C CYS A 9 -1.07 5.75 -2.42
N VAL A 10 0.09 6.04 -3.02
CA VAL A 10 0.20 6.23 -4.46
C VAL A 10 0.82 5.00 -5.07
N TYR A 11 0.37 4.71 -6.27
CA TYR A 11 0.71 3.46 -6.94
C TYR A 11 2.17 3.46 -7.34
N VAL A 12 2.98 3.04 -6.37
CA VAL A 12 4.42 2.90 -6.56
C VAL A 12 4.86 1.57 -6.00
N PRO A 13 4.73 0.54 -6.86
CA PRO A 13 5.04 -0.85 -6.49
C PRO A 13 6.49 -1.05 -6.15
N ALA A 14 7.32 -0.44 -7.01
CA ALA A 14 8.78 -0.59 -6.94
C ALA A 14 9.29 -0.26 -5.56
N GLN A 15 8.67 0.76 -5.01
CA GLN A 15 9.02 1.25 -3.69
C GLN A 15 7.77 1.32 -2.85
N ASN A 16 7.04 0.20 -2.90
CA ASN A 16 5.80 0.02 -2.15
C ASN A 16 6.01 0.36 -0.70
N PRO A 17 5.36 1.46 -0.28
CA PRO A 17 5.49 2.00 1.09
C PRO A 17 4.69 1.20 2.09
N CYS A 18 3.93 0.28 1.53
CA CYS A 18 3.01 -0.53 2.30
C CYS A 18 3.73 -1.63 3.02
N CYS A 19 3.10 -2.05 4.11
CA CYS A 19 3.58 -3.16 4.91
C CYS A 19 3.55 -4.39 4.05
N ARG A 20 4.63 -5.17 4.18
CA ARG A 20 4.83 -6.36 3.35
C ARG A 20 3.67 -7.31 3.48
N GLY A 21 2.91 -7.32 2.39
CA GLY A 21 1.67 -8.07 2.35
C GLY A 21 0.52 -7.22 1.84
N LEU A 22 0.69 -5.91 2.00
CA LEU A 22 -0.32 -4.94 1.57
C LEU A 22 0.03 -4.46 0.19
N GLN A 23 -1.01 -4.43 -0.63
CA GLN A 23 -0.88 -4.00 -2.02
C GLN A 23 -1.47 -2.63 -2.17
N CYS A 24 -0.58 -1.73 -2.57
CA CYS A 24 -0.92 -0.33 -2.74
C CYS A 24 -1.62 -0.12 -4.05
N ARG A 25 -2.73 0.62 -3.95
CA ARG A 25 -3.48 1.06 -5.11
C ARG A 25 -3.58 2.56 -5.07
N TYR A 26 -3.50 3.13 -6.29
CA TYR A 26 -3.53 4.59 -6.47
C TYR A 26 -4.70 5.20 -5.72
N GLY A 27 -4.33 5.73 -4.56
CA GLY A 27 -5.28 6.31 -3.64
C GLY A 27 -5.04 5.82 -2.23
N LYS A 28 -5.07 4.51 -2.06
CA LYS A 28 -4.88 3.92 -0.73
C LYS A 28 -4.39 2.51 -0.88
N CYS A 29 -3.83 2.04 0.23
CA CYS A 29 -3.24 0.72 0.30
C CYS A 29 -4.30 -0.28 0.69
N LEU A 30 -4.24 -1.42 0.01
CA LEU A 30 -5.21 -2.50 0.19
C LEU A 30 -4.49 -3.77 0.54
N VAL A 31 -5.30 -4.73 0.99
CA VAL A 31 -4.80 -6.06 1.33
C VAL A 31 -4.85 -6.93 0.10
N GLN A 32 -3.76 -7.68 -0.08
CA GLN A 32 -3.70 -8.64 -1.18
C GLN A 32 -4.54 -9.84 -0.85
N VAL A 33 -5.84 -9.55 -0.80
CA VAL A 33 -6.84 -10.58 -0.55
C VAL A 33 -7.60 -10.86 -1.82
N ALA A 1 7.68 2.43 9.36
CA ALA A 1 6.36 3.03 9.04
C ALA A 1 5.87 2.56 7.70
N CYS A 2 5.33 1.35 7.74
CA CYS A 2 4.78 0.73 6.54
C CYS A 2 3.32 1.10 6.39
N GLY A 3 2.96 1.29 5.13
CA GLY A 3 1.59 1.64 4.78
C GLY A 3 0.61 0.55 5.17
N ILE A 4 -0.52 0.96 5.74
CA ILE A 4 -1.53 0.04 6.24
C ILE A 4 -2.67 -0.10 5.26
N LEU A 5 -3.47 -1.13 5.59
CA LEU A 5 -4.57 -1.63 4.75
C LEU A 5 -5.60 -0.57 4.40
N HIS A 6 -5.42 0.60 5.00
CA HIS A 6 -6.27 1.76 4.69
C HIS A 6 -5.46 3.01 4.85
N ASP A 7 -4.32 2.98 4.18
CA ASP A 7 -3.40 4.12 4.16
C ASP A 7 -3.37 4.67 2.76
N ASN A 8 -3.70 5.97 2.70
CA ASN A 8 -3.78 6.71 1.43
C ASN A 8 -2.45 6.65 0.74
N CYS A 9 -2.48 6.13 -0.49
CA CYS A 9 -1.26 5.85 -1.23
C CYS A 9 -1.56 5.71 -2.70
N VAL A 10 -0.51 6.02 -3.48
CA VAL A 10 -0.59 5.92 -4.94
C VAL A 10 0.02 4.61 -5.39
N TYR A 11 -0.15 4.35 -6.68
CA TYR A 11 0.25 3.07 -7.26
C TYR A 11 1.72 3.07 -7.56
N VAL A 12 2.49 2.95 -6.48
CA VAL A 12 3.95 2.88 -6.56
C VAL A 12 4.45 1.62 -5.90
N PRO A 13 4.51 0.53 -6.71
CA PRO A 13 4.97 -0.79 -6.27
C PRO A 13 6.47 -0.82 -6.07
N ALA A 14 7.14 -0.07 -6.95
CA ALA A 14 8.60 0.00 -7.01
C ALA A 14 9.18 0.34 -5.66
N GLN A 15 8.36 1.07 -4.91
CA GLN A 15 8.69 1.44 -3.55
C GLN A 15 7.43 1.38 -2.73
N ASN A 16 6.85 0.17 -2.76
CA ASN A 16 5.65 -0.13 -1.96
C ASN A 16 5.97 0.03 -0.50
N PRO A 17 5.43 1.12 0.08
CA PRO A 17 5.71 1.51 1.47
C PRO A 17 4.92 0.70 2.46
N CYS A 18 4.01 -0.08 1.91
CA CYS A 18 3.05 -0.83 2.69
C CYS A 18 3.69 -2.05 3.28
N CYS A 19 3.13 -2.40 4.44
CA CYS A 19 3.53 -3.60 5.15
C CYS A 19 3.33 -4.78 4.24
N ARG A 20 4.35 -5.65 4.23
CA ARG A 20 4.39 -6.79 3.32
C ARG A 20 3.18 -7.66 3.53
N GLY A 21 2.37 -7.65 2.48
CA GLY A 21 1.04 -8.22 2.51
C GLY A 21 0.01 -7.21 2.05
N LEU A 22 0.42 -5.96 2.07
CA LEU A 22 -0.40 -4.84 1.62
C LEU A 22 0.30 -4.18 0.47
N GLN A 23 -0.50 -3.63 -0.43
CA GLN A 23 0.01 -2.97 -1.62
C GLN A 23 -0.78 -1.73 -1.91
N CYS A 24 -0.02 -0.69 -2.23
CA CYS A 24 -0.58 0.58 -2.64
C CYS A 24 -1.28 0.46 -3.96
N ARG A 25 -2.51 0.95 -3.96
CA ARG A 25 -3.29 1.11 -5.17
C ARG A 25 -3.78 2.52 -5.22
N TYR A 26 -3.61 3.11 -6.41
CA TYR A 26 -3.87 4.54 -6.68
C TYR A 26 -5.08 5.04 -5.93
N GLY A 27 -4.77 5.57 -4.76
CA GLY A 27 -5.77 6.07 -3.86
C GLY A 27 -5.47 5.65 -2.44
N LYS A 28 -5.41 4.35 -2.22
CA LYS A 28 -5.17 3.80 -0.89
C LYS A 28 -4.51 2.46 -0.99
N CYS A 29 -3.81 2.15 0.09
CA CYS A 29 -3.14 0.89 0.23
C CYS A 29 -4.14 -0.14 0.64
N LEU A 30 -4.11 -1.24 -0.08
CA LEU A 30 -5.06 -2.32 0.11
C LEU A 30 -4.36 -3.62 0.32
N VAL A 31 -5.10 -4.55 0.87
CA VAL A 31 -4.62 -5.91 1.04
C VAL A 31 -4.58 -6.54 -0.32
N GLN A 32 -3.35 -6.75 -0.78
CA GLN A 32 -3.08 -7.17 -2.16
C GLN A 32 -3.89 -8.39 -2.53
N VAL A 33 -4.11 -9.19 -1.51
CA VAL A 33 -4.91 -10.41 -1.65
C VAL A 33 -6.19 -10.25 -0.86
N ALA A 1 7.27 3.04 8.82
CA ALA A 1 6.04 3.76 8.42
C ALA A 1 5.52 3.19 7.13
N CYS A 2 4.91 2.02 7.28
CA CYS A 2 4.39 1.27 6.13
C CYS A 2 2.96 1.67 5.87
N GLY A 3 2.59 1.49 4.62
CA GLY A 3 1.21 1.66 4.21
C GLY A 3 0.36 0.53 4.72
N ILE A 4 -0.73 0.87 5.39
CA ILE A 4 -1.64 -0.12 5.96
C ILE A 4 -2.82 -0.34 5.04
N LEU A 5 -3.65 -1.27 5.50
CA LEU A 5 -4.73 -1.88 4.72
C LEU A 5 -5.72 -0.88 4.15
N HIS A 6 -5.57 0.37 4.57
CA HIS A 6 -6.37 1.46 4.02
C HIS A 6 -5.67 2.78 4.25
N ASP A 7 -4.39 2.76 3.90
CA ASP A 7 -3.55 3.96 4.03
C ASP A 7 -3.39 4.61 2.69
N ASN A 8 -3.77 5.87 2.66
CA ASN A 8 -3.75 6.67 1.43
C ASN A 8 -2.34 6.84 0.95
N CYS A 9 -2.17 6.41 -0.30
CA CYS A 9 -0.85 6.39 -0.94
C CYS A 9 -1.01 6.37 -2.44
N VAL A 10 0.14 6.48 -3.10
CA VAL A 10 0.20 6.47 -4.57
C VAL A 10 0.70 5.13 -5.06
N TYR A 11 0.20 4.80 -6.24
CA TYR A 11 0.38 3.47 -6.82
C TYR A 11 1.77 3.33 -7.40
N VAL A 12 2.71 3.16 -6.47
CA VAL A 12 4.10 2.91 -6.81
C VAL A 12 4.54 1.60 -6.19
N PRO A 13 4.27 0.50 -6.93
CA PRO A 13 4.60 -0.86 -6.46
C PRO A 13 6.09 -1.08 -6.27
N ALA A 14 6.85 -0.48 -7.18
CA ALA A 14 8.30 -0.62 -7.19
C ALA A 14 8.90 -0.10 -5.91
N GLN A 15 8.12 0.77 -5.29
CA GLN A 15 8.47 1.35 -4.00
C GLN A 15 7.25 1.34 -3.12
N ASN A 16 6.63 0.16 -3.10
CA ASN A 16 5.44 -0.09 -2.29
C ASN A 16 5.77 0.17 -0.84
N PRO A 17 5.13 1.22 -0.30
CA PRO A 17 5.40 1.72 1.06
C PRO A 17 4.72 0.90 2.12
N CYS A 18 3.90 -0.02 1.63
CA CYS A 18 3.02 -0.80 2.48
C CYS A 18 3.76 -1.90 3.16
N CYS A 19 3.18 -2.30 4.29
CA CYS A 19 3.68 -3.45 5.04
C CYS A 19 3.58 -4.68 4.20
N ARG A 20 4.50 -5.59 4.47
CA ARG A 20 4.68 -6.81 3.67
C ARG A 20 3.40 -7.64 3.69
N GLY A 21 2.71 -7.53 2.56
CA GLY A 21 1.44 -8.21 2.38
C GLY A 21 0.33 -7.26 2.01
N LEU A 22 0.65 -5.97 2.00
CA LEU A 22 -0.30 -4.94 1.62
C LEU A 22 0.17 -4.28 0.35
N GLN A 23 -0.81 -4.06 -0.52
CA GLN A 23 -0.55 -3.49 -1.84
C GLN A 23 -1.24 -2.17 -1.97
N CYS A 24 -0.41 -1.16 -2.20
CA CYS A 24 -0.89 0.20 -2.39
C CYS A 24 -1.53 0.33 -3.75
N ARG A 25 -2.74 0.88 -3.70
CA ARG A 25 -3.49 1.20 -4.92
C ARG A 25 -3.59 2.70 -5.02
N TYR A 26 -3.76 3.13 -6.28
CA TYR A 26 -3.91 4.55 -6.60
C TYR A 26 -4.99 5.16 -5.76
N GLY A 27 -4.54 5.75 -4.68
CA GLY A 27 -5.42 6.35 -3.70
C GLY A 27 -5.08 5.88 -2.31
N LYS A 28 -5.05 4.56 -2.13
CA LYS A 28 -4.76 3.98 -0.83
C LYS A 28 -4.33 2.55 -0.97
N CYS A 29 -3.66 2.11 0.07
CA CYS A 29 -3.14 0.76 0.18
C CYS A 29 -4.24 -0.16 0.63
N LEU A 30 -4.16 -1.37 0.11
CA LEU A 30 -5.17 -2.40 0.38
C LEU A 30 -4.49 -3.71 0.70
N VAL A 31 -5.32 -4.63 1.19
CA VAL A 31 -4.88 -5.97 1.59
C VAL A 31 -4.67 -6.82 0.37
N GLN A 32 -3.82 -7.82 0.56
CA GLN A 32 -3.49 -8.79 -0.49
C GLN A 32 -4.64 -9.73 -0.73
N VAL A 33 -5.76 -9.13 -1.10
CA VAL A 33 -6.97 -9.88 -1.41
C VAL A 33 -6.89 -10.39 -2.84
N ALA A 1 7.44 3.69 8.15
CA ALA A 1 5.98 3.76 7.97
C ALA A 1 5.47 2.53 7.29
N CYS A 2 4.70 1.77 8.08
CA CYS A 2 4.09 0.55 7.61
C CYS A 2 2.73 0.87 7.04
N GLY A 3 2.66 0.74 5.73
CA GLY A 3 1.42 1.01 5.00
C GLY A 3 0.30 0.09 5.43
N ILE A 4 -0.77 0.71 5.93
CA ILE A 4 -1.92 -0.01 6.46
C ILE A 4 -3.04 0.00 5.46
N LEU A 5 -3.99 -0.91 5.74
CA LEU A 5 -5.10 -1.23 4.85
C LEU A 5 -6.07 -0.09 4.66
N HIS A 6 -5.65 1.08 5.12
CA HIS A 6 -6.41 2.31 4.93
C HIS A 6 -5.48 3.49 4.98
N ASP A 7 -4.34 3.29 4.32
CA ASP A 7 -3.34 4.35 4.18
C ASP A 7 -3.26 4.77 2.74
N ASN A 8 -3.44 6.08 2.56
CA ASN A 8 -3.44 6.66 1.23
C ASN A 8 -2.03 6.76 0.71
N CYS A 9 -1.84 6.12 -0.43
CA CYS A 9 -0.52 6.03 -1.05
C CYS A 9 -0.67 5.98 -2.55
N VAL A 10 0.48 6.07 -3.21
CA VAL A 10 0.55 5.96 -4.66
C VAL A 10 1.14 4.63 -5.05
N TYR A 11 0.64 4.15 -6.18
CA TYR A 11 1.02 2.85 -6.73
C TYR A 11 2.43 2.88 -7.27
N VAL A 12 3.34 2.94 -6.31
CA VAL A 12 4.77 2.90 -6.60
C VAL A 12 5.44 1.87 -5.72
N PRO A 13 5.56 0.65 -6.27
CA PRO A 13 6.20 -0.47 -5.58
C PRO A 13 7.65 -0.23 -5.24
N ALA A 14 8.26 0.60 -6.11
CA ALA A 14 9.69 0.96 -6.00
C ALA A 14 10.02 1.37 -4.59
N GLN A 15 9.05 2.09 -4.02
CA GLN A 15 9.10 2.44 -2.61
C GLN A 15 7.77 2.15 -1.99
N ASN A 16 7.48 0.85 -1.98
CA ASN A 16 6.26 0.33 -1.36
C ASN A 16 6.27 0.65 0.11
N PRO A 17 5.37 1.58 0.48
CA PRO A 17 5.26 2.08 1.86
C PRO A 17 4.46 1.17 2.73
N CYS A 18 3.84 0.22 2.05
CA CYS A 18 2.92 -0.71 2.69
C CYS A 18 3.68 -1.79 3.38
N CYS A 19 3.01 -2.34 4.39
CA CYS A 19 3.47 -3.57 5.01
C CYS A 19 3.36 -4.63 3.96
N ARG A 20 4.54 -5.07 3.52
CA ARG A 20 4.63 -5.99 2.40
C ARG A 20 3.72 -7.17 2.63
N GLY A 21 2.81 -7.26 1.68
CA GLY A 21 1.65 -8.11 1.81
C GLY A 21 0.41 -7.32 1.41
N LEU A 22 0.52 -6.00 1.58
CA LEU A 22 -0.51 -5.06 1.12
C LEU A 22 0.00 -4.37 -0.12
N GLN A 23 -0.96 -3.96 -0.94
CA GLN A 23 -0.65 -3.32 -2.22
C GLN A 23 -1.26 -1.95 -2.28
N CYS A 24 -0.43 -1.02 -2.76
CA CYS A 24 -0.85 0.34 -3.01
C CYS A 24 -1.64 0.40 -4.28
N ARG A 25 -2.95 0.39 -4.08
CA ARG A 25 -3.89 0.60 -5.16
C ARG A 25 -4.09 2.08 -5.29
N TYR A 26 -4.52 2.46 -6.49
CA TYR A 26 -4.71 3.87 -6.84
C TYR A 26 -5.52 4.57 -5.77
N GLY A 27 -4.75 5.18 -4.88
CA GLY A 27 -5.33 5.93 -3.79
C GLY A 27 -5.03 5.31 -2.42
N LYS A 28 -5.24 4.01 -2.31
CA LYS A 28 -5.23 3.35 -1.01
C LYS A 28 -4.35 2.12 -1.01
N CYS A 29 -3.64 2.02 0.10
CA CYS A 29 -2.88 0.81 0.42
C CYS A 29 -3.84 -0.19 0.98
N LEU A 30 -4.13 -1.17 0.13
CA LEU A 30 -5.11 -2.19 0.46
C LEU A 30 -4.46 -3.54 0.42
N VAL A 31 -4.91 -4.36 1.39
CA VAL A 31 -4.39 -5.71 1.56
C VAL A 31 -4.61 -6.51 0.30
N GLN A 32 -3.52 -7.12 -0.14
CA GLN A 32 -3.53 -7.94 -1.34
C GLN A 32 -4.20 -9.26 -1.03
N VAL A 33 -5.52 -9.16 -0.98
CA VAL A 33 -6.37 -10.32 -0.78
C VAL A 33 -6.73 -10.90 -2.12
N ALA A 1 6.46 5.77 8.23
CA ALA A 1 5.17 5.12 8.52
C ALA A 1 4.81 4.17 7.40
N CYS A 2 4.53 2.94 7.82
CA CYS A 2 4.23 1.86 6.91
C CYS A 2 2.79 1.96 6.46
N GLY A 3 2.62 1.73 5.16
CA GLY A 3 1.30 1.72 4.56
C GLY A 3 0.45 0.59 5.09
N ILE A 4 -0.55 0.95 5.89
CA ILE A 4 -1.43 -0.05 6.49
C ILE A 4 -2.63 -0.29 5.62
N LEU A 5 -3.49 -1.17 6.15
CA LEU A 5 -4.59 -1.82 5.42
C LEU A 5 -5.29 -0.93 4.40
N HIS A 6 -5.45 0.35 4.75
CA HIS A 6 -6.15 1.28 3.85
C HIS A 6 -5.51 2.64 3.87
N ASP A 7 -4.21 2.63 4.12
CA ASP A 7 -3.47 3.89 4.20
C ASP A 7 -3.34 4.47 2.82
N ASN A 8 -3.65 5.77 2.76
CA ASN A 8 -3.73 6.50 1.49
C ASN A 8 -2.34 6.77 0.96
N CYS A 9 -2.15 6.29 -0.27
CA CYS A 9 -0.85 6.35 -0.94
C CYS A 9 -1.02 6.17 -2.44
N VAL A 10 0.14 6.25 -3.12
CA VAL A 10 0.20 6.10 -4.57
C VAL A 10 0.82 4.76 -4.90
N TYR A 11 0.27 4.17 -5.96
CA TYR A 11 0.68 2.86 -6.44
C TYR A 11 2.07 2.92 -7.02
N VAL A 12 3.03 2.85 -6.10
CA VAL A 12 4.44 2.74 -6.45
C VAL A 12 4.99 1.45 -5.86
N PRO A 13 4.92 0.38 -6.68
CA PRO A 13 5.27 -0.98 -6.24
C PRO A 13 6.73 -1.14 -5.90
N ALA A 14 7.56 -0.64 -6.81
CA ALA A 14 9.02 -0.78 -6.72
C ALA A 14 9.53 -0.25 -5.41
N GLN A 15 8.85 0.77 -4.93
CA GLN A 15 9.19 1.42 -3.67
C GLN A 15 7.97 1.52 -2.81
N ASN A 16 7.24 0.40 -2.82
CA ASN A 16 5.98 0.26 -2.07
C ASN A 16 6.21 0.48 -0.60
N PRO A 17 5.64 1.59 -0.09
CA PRO A 17 5.76 1.98 1.32
C PRO A 17 4.76 1.26 2.19
N CYS A 18 3.92 0.50 1.50
CA CYS A 18 2.87 -0.27 2.13
C CYS A 18 3.47 -1.52 2.70
N CYS A 19 2.89 -1.92 3.84
CA CYS A 19 3.37 -3.08 4.58
C CYS A 19 3.29 -4.31 3.72
N ARG A 20 4.29 -5.16 3.92
CA ARG A 20 4.45 -6.39 3.15
C ARG A 20 3.27 -7.29 3.39
N GLY A 21 2.58 -7.54 2.29
CA GLY A 21 1.33 -8.27 2.32
C GLY A 21 0.16 -7.37 1.98
N LEU A 22 0.47 -6.08 1.79
CA LEU A 22 -0.52 -5.10 1.39
C LEU A 22 -0.01 -4.37 0.18
N GLN A 23 -0.90 -4.23 -0.78
CA GLN A 23 -0.57 -3.56 -2.04
C GLN A 23 -1.30 -2.25 -2.12
N CYS A 24 -0.48 -1.21 -2.25
CA CYS A 24 -0.97 0.14 -2.37
C CYS A 24 -1.41 0.40 -3.79
N ARG A 25 -2.69 0.73 -3.89
CA ARG A 25 -3.30 1.12 -5.15
C ARG A 25 -3.43 2.62 -5.19
N TYR A 26 -3.66 3.12 -6.40
CA TYR A 26 -3.73 4.55 -6.68
C TYR A 26 -4.81 5.21 -5.84
N GLY A 27 -4.39 5.55 -4.65
CA GLY A 27 -5.27 6.17 -3.67
C GLY A 27 -4.94 5.70 -2.28
N LYS A 28 -4.85 4.39 -2.09
CA LYS A 28 -4.58 3.81 -0.78
C LYS A 28 -4.14 2.39 -0.92
N CYS A 29 -3.77 1.85 0.23
CA CYS A 29 -3.39 0.45 0.34
C CYS A 29 -4.62 -0.41 0.37
N LEU A 30 -4.45 -1.58 -0.24
CA LEU A 30 -5.48 -2.61 -0.22
C LEU A 30 -4.85 -3.88 0.28
N VAL A 31 -5.67 -4.63 1.01
CA VAL A 31 -5.21 -5.81 1.73
C VAL A 31 -5.12 -7.00 0.80
N GLN A 32 -3.88 -7.50 0.72
CA GLN A 32 -3.60 -8.74 -0.01
C GLN A 32 -3.72 -9.89 0.93
N VAL A 33 -2.94 -9.75 2.00
CA VAL A 33 -2.91 -10.74 3.06
C VAL A 33 -3.83 -10.32 4.17
N ALA A 1 7.34 3.69 9.28
CA ALA A 1 5.93 3.25 9.30
C ALA A 1 5.47 2.95 7.90
N CYS A 2 4.87 1.77 7.79
CA CYS A 2 4.37 1.27 6.51
C CYS A 2 2.93 1.70 6.34
N GLY A 3 2.54 1.70 5.07
CA GLY A 3 1.14 1.87 4.74
C GLY A 3 0.32 0.70 5.25
N ILE A 4 -0.86 0.99 5.79
CA ILE A 4 -1.70 -0.03 6.39
C ILE A 4 -2.95 -0.25 5.57
N LEU A 5 -3.80 -1.12 6.14
CA LEU A 5 -4.94 -1.77 5.45
C LEU A 5 -5.71 -0.86 4.53
N HIS A 6 -5.83 0.42 4.93
CA HIS A 6 -6.55 1.39 4.10
C HIS A 6 -5.91 2.75 4.22
N ASP A 7 -4.58 2.73 4.27
CA ASP A 7 -3.80 3.96 4.34
C ASP A 7 -3.52 4.44 2.94
N ASN A 8 -3.58 5.76 2.80
CA ASN A 8 -3.47 6.42 1.50
C ASN A 8 -2.06 6.32 0.98
N CYS A 9 -1.99 6.03 -0.33
CA CYS A 9 -0.71 5.94 -1.01
C CYS A 9 -0.92 5.90 -2.50
N VAL A 10 0.21 5.91 -3.20
CA VAL A 10 0.22 5.86 -4.65
C VAL A 10 0.78 4.54 -5.09
N TYR A 11 0.21 4.04 -6.19
CA TYR A 11 0.59 2.74 -6.73
C TYR A 11 2.02 2.78 -7.23
N VAL A 12 2.90 2.63 -6.26
CA VAL A 12 4.34 2.54 -6.51
C VAL A 12 4.88 1.31 -5.83
N PRO A 13 4.68 0.15 -6.48
CA PRO A 13 5.10 -1.15 -5.92
C PRO A 13 6.58 -1.20 -5.66
N ALA A 14 7.32 -0.71 -6.65
CA ALA A 14 8.78 -0.71 -6.60
C ALA A 14 9.28 0.17 -5.48
N GLN A 15 8.42 1.10 -5.12
CA GLN A 15 8.71 2.06 -4.06
C GLN A 15 7.69 1.89 -2.96
N ASN A 16 7.25 0.64 -2.83
CA ASN A 16 6.19 0.27 -1.89
C ASN A 16 6.50 0.76 -0.50
N PRO A 17 5.72 1.76 -0.06
CA PRO A 17 5.82 2.34 1.28
C PRO A 17 4.83 1.71 2.23
N CYS A 18 4.21 0.67 1.69
CA CYS A 18 3.16 -0.06 2.40
C CYS A 18 3.76 -1.34 2.91
N CYS A 19 3.10 -1.89 3.93
CA CYS A 19 3.53 -3.15 4.51
C CYS A 19 3.40 -4.24 3.50
N ARG A 20 4.43 -5.09 3.51
CA ARG A 20 4.56 -6.19 2.57
C ARG A 20 3.46 -7.19 2.80
N GLY A 21 2.52 -7.14 1.85
CA GLY A 21 1.32 -7.95 1.94
C GLY A 21 0.09 -7.13 1.63
N LEU A 22 0.29 -5.82 1.55
CA LEU A 22 -0.77 -4.90 1.19
C LEU A 22 -0.44 -4.23 -0.11
N GLN A 23 -1.44 -4.25 -0.97
CA GLN A 23 -1.32 -3.70 -2.32
C GLN A 23 -1.55 -2.21 -2.27
N CYS A 24 -0.43 -1.51 -2.20
CA CYS A 24 -0.43 -0.05 -2.28
C CYS A 24 -0.83 0.37 -3.67
N ARG A 25 -2.11 0.71 -3.75
CA ARG A 25 -2.73 1.02 -5.03
C ARG A 25 -3.10 2.49 -5.05
N TYR A 26 -3.45 2.94 -6.25
CA TYR A 26 -3.77 4.35 -6.50
C TYR A 26 -4.78 4.86 -5.51
N GLY A 27 -4.24 5.58 -4.53
CA GLY A 27 -5.07 6.21 -3.53
C GLY A 27 -4.88 5.62 -2.15
N LYS A 28 -4.75 4.30 -2.09
CA LYS A 28 -4.71 3.61 -0.81
C LYS A 28 -4.11 2.24 -0.95
N CYS A 29 -3.69 1.75 0.20
CA CYS A 29 -3.27 0.36 0.34
C CYS A 29 -4.48 -0.51 0.43
N LEU A 30 -4.37 -1.63 -0.24
CA LEU A 30 -5.41 -2.66 -0.19
C LEU A 30 -4.80 -3.96 0.25
N VAL A 31 -5.25 -4.36 1.42
CA VAL A 31 -4.84 -5.63 2.01
C VAL A 31 -5.45 -6.74 1.21
N GLN A 32 -4.58 -7.69 0.86
CA GLN A 32 -4.98 -8.85 0.06
C GLN A 32 -5.79 -9.81 0.90
N VAL A 33 -6.93 -9.28 1.33
CA VAL A 33 -7.86 -9.99 2.20
C VAL A 33 -8.68 -10.96 1.35
N ALA A 1 6.97 3.82 9.27
CA ALA A 1 6.40 2.46 9.40
C ALA A 1 5.68 2.08 8.14
N CYS A 2 5.54 0.77 7.99
CA CYS A 2 4.87 0.20 6.82
C CYS A 2 3.41 0.57 6.85
N GLY A 3 2.97 1.12 5.72
CA GLY A 3 1.61 1.59 5.55
C GLY A 3 0.58 0.53 5.88
N ILE A 4 -0.53 0.97 6.47
CA ILE A 4 -1.59 0.07 6.89
C ILE A 4 -2.46 -0.36 5.74
N LEU A 5 -3.28 -1.35 6.07
CA LEU A 5 -4.09 -2.12 5.11
C LEU A 5 -5.02 -1.26 4.28
N HIS A 6 -5.07 0.02 4.64
CA HIS A 6 -5.90 0.98 3.91
C HIS A 6 -5.35 2.38 4.07
N ASP A 7 -4.03 2.47 3.96
CA ASP A 7 -3.35 3.77 4.04
C ASP A 7 -3.31 4.39 2.67
N ASN A 8 -3.36 5.71 2.69
CA ASN A 8 -3.34 6.51 1.46
C ASN A 8 -1.94 6.57 0.93
N CYS A 9 -1.79 6.02 -0.26
CA CYS A 9 -0.49 5.92 -0.91
C CYS A 9 -0.67 5.82 -2.40
N VAL A 10 0.36 6.32 -3.08
CA VAL A 10 0.38 6.34 -4.54
C VAL A 10 0.77 4.96 -5.05
N TYR A 11 0.29 4.69 -6.26
CA TYR A 11 0.45 3.40 -6.90
C TYR A 11 1.87 3.19 -7.38
N VAL A 12 2.75 3.10 -6.39
CA VAL A 12 4.16 2.79 -6.62
C VAL A 12 4.52 1.54 -5.86
N PRO A 13 4.31 0.39 -6.53
CA PRO A 13 4.57 -0.92 -5.93
C PRO A 13 6.04 -1.17 -5.69
N ALA A 14 6.82 -0.71 -6.66
CA ALA A 14 8.28 -0.92 -6.66
C ALA A 14 8.91 -0.34 -5.42
N GLN A 15 8.20 0.65 -4.88
CA GLN A 15 8.61 1.33 -3.66
C GLN A 15 7.39 1.56 -2.81
N ASN A 16 6.62 0.48 -2.68
CA ASN A 16 5.40 0.48 -1.88
C ASN A 16 5.74 0.73 -0.42
N PRO A 17 5.23 1.88 0.08
CA PRO A 17 5.45 2.30 1.46
C PRO A 17 4.57 1.55 2.43
N CYS A 18 3.64 0.83 1.82
CA CYS A 18 2.67 0.04 2.55
C CYS A 18 3.32 -1.24 3.01
N CYS A 19 2.71 -1.82 4.04
CA CYS A 19 3.25 -3.02 4.67
C CYS A 19 3.14 -4.19 3.72
N ARG A 20 4.12 -5.07 3.87
CA ARG A 20 4.24 -6.24 3.01
C ARG A 20 3.07 -7.15 3.20
N GLY A 21 2.45 -7.45 2.06
CA GLY A 21 1.19 -8.17 2.04
C GLY A 21 0.04 -7.24 1.72
N LEU A 22 0.36 -5.94 1.72
CA LEU A 22 -0.59 -4.90 1.38
C LEU A 22 -0.06 -4.17 0.19
N GLN A 23 -0.96 -3.92 -0.75
CA GLN A 23 -0.56 -3.33 -2.03
C GLN A 23 -1.31 -2.04 -2.26
N CYS A 24 -0.49 -1.01 -2.45
CA CYS A 24 -0.98 0.33 -2.72
C CYS A 24 -1.62 0.41 -4.08
N ARG A 25 -2.92 0.58 -4.05
CA ARG A 25 -3.70 0.86 -5.24
C ARG A 25 -3.79 2.36 -5.35
N TYR A 26 -3.99 2.81 -6.59
CA TYR A 26 -4.04 4.24 -6.92
C TYR A 26 -4.92 5.01 -5.98
N GLY A 27 -4.24 5.49 -4.93
CA GLY A 27 -4.90 6.28 -3.91
C GLY A 27 -4.80 5.63 -2.53
N LYS A 28 -5.12 4.35 -2.48
CA LYS A 28 -5.22 3.64 -1.21
C LYS A 28 -4.61 2.28 -1.33
N CYS A 29 -3.95 1.92 -0.24
CA CYS A 29 -3.37 0.58 -0.10
C CYS A 29 -4.46 -0.36 0.27
N LEU A 30 -4.39 -1.53 -0.35
CA LEU A 30 -5.36 -2.59 -0.12
C LEU A 30 -4.68 -3.77 0.51
N VAL A 31 -5.40 -4.31 1.48
CA VAL A 31 -4.98 -5.51 2.17
C VAL A 31 -5.18 -6.70 1.26
N GLN A 32 -4.06 -7.10 0.66
CA GLN A 32 -4.04 -8.20 -0.30
C GLN A 32 -4.19 -9.49 0.43
N VAL A 33 -3.35 -9.61 1.46
CA VAL A 33 -3.38 -10.76 2.35
C VAL A 33 -4.46 -10.56 3.39
N ALA A 1 4.58 4.37 10.76
CA ALA A 1 3.40 4.08 9.90
C ALA A 1 3.84 3.55 8.57
N CYS A 2 3.52 2.27 8.37
CA CYS A 2 3.74 1.62 7.09
C CYS A 2 2.51 1.82 6.25
N GLY A 3 2.52 1.19 5.09
CA GLY A 3 1.35 1.18 4.25
C GLY A 3 0.38 0.11 4.68
N ILE A 4 -0.76 0.53 5.22
CA ILE A 4 -1.78 -0.41 5.67
C ILE A 4 -3.04 -0.20 4.89
N LEU A 5 -4.01 -1.04 5.27
CA LEU A 5 -5.26 -1.27 4.51
C LEU A 5 -6.06 -0.02 4.24
N HIS A 6 -5.60 1.10 4.77
CA HIS A 6 -6.25 2.39 4.53
C HIS A 6 -5.26 3.50 4.60
N ASP A 7 -4.07 3.20 4.11
CA ASP A 7 -3.02 4.20 4.00
C ASP A 7 -3.04 4.78 2.61
N ASN A 8 -3.51 6.03 2.56
CA ASN A 8 -3.59 6.76 1.30
C ASN A 8 -2.24 6.85 0.66
N CYS A 9 -2.19 6.24 -0.50
CA CYS A 9 -0.93 5.94 -1.17
C CYS A 9 -1.20 5.68 -2.62
N VAL A 10 -0.28 6.16 -3.43
CA VAL A 10 -0.36 5.99 -4.88
C VAL A 10 0.42 4.78 -5.31
N TYR A 11 0.40 4.59 -6.62
CA TYR A 11 1.06 3.45 -7.26
C TYR A 11 2.56 3.57 -7.14
N VAL A 12 3.03 3.26 -5.93
CA VAL A 12 4.46 3.23 -5.64
C VAL A 12 4.85 1.86 -5.10
N PRO A 13 4.90 0.87 -6.02
CA PRO A 13 5.29 -0.51 -5.69
C PRO A 13 6.77 -0.63 -5.46
N ALA A 14 7.50 0.09 -6.34
CA ALA A 14 8.97 0.09 -6.32
C ALA A 14 9.49 0.66 -5.02
N GLN A 15 8.58 1.35 -4.34
CA GLN A 15 8.88 1.97 -3.06
C GLN A 15 7.80 1.63 -2.07
N ASN A 16 7.33 0.38 -2.20
CA ASN A 16 6.23 -0.15 -1.39
C ASN A 16 6.49 0.09 0.08
N PRO A 17 5.75 1.08 0.63
CA PRO A 17 5.86 1.49 2.03
C PRO A 17 5.01 0.65 2.93
N CYS A 18 4.26 -0.21 2.28
CA CYS A 18 3.23 -1.02 2.90
C CYS A 18 3.85 -2.16 3.63
N CYS A 19 3.19 -2.50 4.73
CA CYS A 19 3.54 -3.71 5.47
C CYS A 19 3.31 -4.88 4.55
N ARG A 20 4.31 -5.75 4.56
CA ARG A 20 4.49 -6.77 3.53
C ARG A 20 3.26 -7.62 3.36
N GLY A 21 2.71 -7.46 2.17
CA GLY A 21 1.49 -8.16 1.80
C GLY A 21 0.46 -7.19 1.24
N LEU A 22 0.60 -5.93 1.60
CA LEU A 22 -0.31 -4.89 1.15
C LEU A 22 0.35 -4.09 0.05
N GLN A 23 -0.49 -3.58 -0.83
CA GLN A 23 -0.05 -2.80 -1.98
C GLN A 23 -0.96 -1.61 -2.16
N CYS A 24 -0.30 -0.51 -2.48
CA CYS A 24 -0.98 0.75 -2.75
C CYS A 24 -1.77 0.66 -4.02
N ARG A 25 -3.08 0.71 -3.82
CA ARG A 25 -4.03 0.85 -4.91
C ARG A 25 -4.28 2.31 -5.11
N TYR A 26 -4.78 2.62 -6.30
CA TYR A 26 -5.05 4.00 -6.74
C TYR A 26 -5.90 4.73 -5.73
N GLY A 27 -5.20 5.23 -4.72
CA GLY A 27 -5.83 5.96 -3.64
C GLY A 27 -5.21 5.62 -2.30
N LYS A 28 -5.10 4.32 -2.02
CA LYS A 28 -4.55 3.86 -0.74
C LYS A 28 -4.09 2.44 -0.87
N CYS A 29 -3.31 2.07 0.13
CA CYS A 29 -2.74 0.74 0.22
C CYS A 29 -3.78 -0.19 0.76
N LEU A 30 -3.88 -1.32 0.06
CA LEU A 30 -4.86 -2.35 0.40
C LEU A 30 -4.17 -3.68 0.51
N VAL A 31 -4.83 -4.54 1.28
CA VAL A 31 -4.38 -5.91 1.49
C VAL A 31 -4.64 -6.69 0.22
N GLN A 32 -3.54 -6.97 -0.48
CA GLN A 32 -3.61 -7.63 -1.77
C GLN A 32 -4.04 -9.06 -1.58
N VAL A 33 -5.11 -9.40 -2.30
CA VAL A 33 -5.65 -10.75 -2.27
C VAL A 33 -4.86 -11.63 -3.21
N ALA A 1 5.39 2.21 11.21
CA ALA A 1 4.13 2.68 10.59
C ALA A 1 4.26 2.63 9.09
N CYS A 2 3.94 1.44 8.60
CA CYS A 2 4.00 1.13 7.17
C CYS A 2 2.71 1.55 6.52
N GLY A 3 2.69 1.33 5.21
CA GLY A 3 1.46 1.44 4.46
C GLY A 3 0.47 0.38 4.89
N ILE A 4 -0.70 0.82 5.31
CA ILE A 4 -1.72 -0.06 5.86
C ILE A 4 -2.95 -0.04 4.98
N LEU A 5 -3.82 -1.00 5.29
CA LEU A 5 -4.94 -1.39 4.41
C LEU A 5 -5.99 -0.31 4.32
N HIS A 6 -5.70 0.80 4.98
CA HIS A 6 -6.56 1.98 4.91
C HIS A 6 -5.74 3.22 5.09
N ASP A 7 -4.64 3.22 4.36
CA ASP A 7 -3.76 4.39 4.30
C ASP A 7 -3.62 4.80 2.87
N ASN A 8 -3.88 6.09 2.64
CA ASN A 8 -3.87 6.66 1.29
C ASN A 8 -2.45 6.79 0.81
N CYS A 9 -2.26 6.38 -0.43
CA CYS A 9 -0.94 6.38 -1.06
C CYS A 9 -1.07 6.20 -2.54
N VAL A 10 0.08 6.35 -3.21
CA VAL A 10 0.14 6.24 -4.66
C VAL A 10 0.63 4.87 -5.07
N TYR A 11 0.21 4.50 -6.27
CA TYR A 11 0.50 3.20 -6.84
C TYR A 11 1.93 3.14 -7.32
N VAL A 12 2.78 2.77 -6.37
CA VAL A 12 4.20 2.53 -6.64
C VAL A 12 4.72 1.43 -5.74
N PRO A 13 4.22 0.20 -6.00
CA PRO A 13 4.54 -0.98 -5.17
C PRO A 13 5.98 -1.38 -5.25
N ALA A 14 6.62 -0.90 -6.33
CA ALA A 14 8.03 -1.20 -6.59
C ALA A 14 8.89 -0.75 -5.44
N GLN A 15 8.37 0.27 -4.76
CA GLN A 15 8.99 0.78 -3.55
C GLN A 15 7.92 0.88 -2.50
N ASN A 16 7.20 -0.23 -2.39
CA ASN A 16 6.01 -0.34 -1.56
C ASN A 16 6.31 0.01 -0.12
N PRO A 17 5.67 1.10 0.34
CA PRO A 17 5.79 1.59 1.72
C PRO A 17 4.97 0.79 2.69
N CYS A 18 4.13 -0.03 2.10
CA CYS A 18 3.19 -0.86 2.85
C CYS A 18 3.89 -2.06 3.41
N CYS A 19 3.26 -2.60 4.44
CA CYS A 19 3.71 -3.85 5.03
C CYS A 19 3.51 -4.96 4.02
N ARG A 20 4.48 -5.86 4.04
CA ARG A 20 4.55 -6.95 3.07
C ARG A 20 3.31 -7.79 3.14
N GLY A 21 2.55 -7.67 2.07
CA GLY A 21 1.24 -8.28 1.95
C GLY A 21 0.22 -7.29 1.45
N LEU A 22 0.49 -6.01 1.70
CA LEU A 22 -0.39 -4.93 1.27
C LEU A 22 0.24 -4.23 0.10
N GLN A 23 -0.64 -3.66 -0.73
CA GLN A 23 -0.22 -2.99 -1.96
C GLN A 23 -0.91 -1.65 -2.08
N CYS A 24 -0.09 -0.65 -2.34
CA CYS A 24 -0.58 0.69 -2.64
C CYS A 24 -1.27 0.71 -3.97
N ARG A 25 -2.59 0.78 -3.87
CA ARG A 25 -3.44 0.84 -5.06
C ARG A 25 -3.88 2.28 -5.23
N TYR A 26 -4.38 2.56 -6.44
CA TYR A 26 -4.80 3.90 -6.83
C TYR A 26 -5.73 4.50 -5.81
N GLY A 27 -5.10 5.28 -4.93
CA GLY A 27 -5.80 5.96 -3.87
C GLY A 27 -5.27 5.59 -2.51
N LYS A 28 -5.12 4.30 -2.26
CA LYS A 28 -4.74 3.83 -0.93
C LYS A 28 -4.18 2.45 -1.01
N CYS A 29 -3.50 2.13 0.07
CA CYS A 29 -2.88 0.83 0.27
C CYS A 29 -3.93 -0.15 0.70
N LEU A 30 -4.00 -1.22 -0.07
CA LEU A 30 -4.95 -2.28 0.17
C LEU A 30 -4.21 -3.59 0.33
N VAL A 31 -4.59 -4.27 1.40
CA VAL A 31 -4.09 -5.61 1.67
C VAL A 31 -4.79 -6.55 0.72
N GLN A 32 -4.02 -7.57 0.32
CA GLN A 32 -4.50 -8.55 -0.65
C GLN A 32 -5.58 -9.39 -0.03
N VAL A 33 -6.77 -8.80 -0.04
CA VAL A 33 -7.97 -9.45 0.47
C VAL A 33 -8.56 -10.33 -0.59
N ALA A 1 5.09 2.12 11.52
CA ALA A 1 3.91 2.61 10.78
C ALA A 1 4.15 2.53 9.29
N CYS A 2 3.77 1.37 8.77
CA CYS A 2 3.92 1.08 7.35
C CYS A 2 2.68 1.51 6.62
N GLY A 3 2.65 1.13 5.35
CA GLY A 3 1.45 1.28 4.54
C GLY A 3 0.42 0.26 4.97
N ILE A 4 -0.70 0.77 5.44
CA ILE A 4 -1.76 -0.06 5.99
C ILE A 4 -3.00 0.02 5.13
N LEU A 5 -3.91 -0.91 5.43
CA LEU A 5 -5.10 -1.19 4.61
C LEU A 5 -6.07 -0.03 4.55
N HIS A 6 -5.59 1.11 5.03
CA HIS A 6 -6.38 2.33 5.01
C HIS A 6 -5.48 3.54 5.08
N ASP A 7 -4.39 3.42 4.32
CA ASP A 7 -3.46 4.53 4.15
C ASP A 7 -3.46 4.96 2.70
N ASN A 8 -3.84 6.22 2.51
CA ASN A 8 -3.87 6.82 1.19
C ASN A 8 -2.46 7.05 0.71
N CYS A 9 -2.19 6.46 -0.45
CA CYS A 9 -0.85 6.47 -1.02
C CYS A 9 -0.91 6.39 -2.52
N VAL A 10 0.20 6.79 -3.12
CA VAL A 10 0.37 6.70 -4.57
C VAL A 10 0.89 5.33 -4.92
N TYR A 11 0.19 4.75 -5.89
CA TYR A 11 0.43 3.37 -6.32
C TYR A 11 1.75 3.23 -7.04
N VAL A 12 2.80 3.27 -6.22
CA VAL A 12 4.16 3.03 -6.69
C VAL A 12 4.74 1.83 -5.97
N PRO A 13 4.51 0.64 -6.58
CA PRO A 13 4.95 -0.64 -6.01
C PRO A 13 6.43 -0.68 -5.74
N ALA A 14 7.15 0.01 -6.63
CA ALA A 14 8.61 0.11 -6.55
C ALA A 14 9.04 0.69 -5.22
N GLN A 15 8.10 1.45 -4.64
CA GLN A 15 8.33 2.11 -3.37
C GLN A 15 7.13 1.87 -2.48
N ASN A 16 6.63 0.63 -2.59
CA ASN A 16 5.46 0.19 -1.84
C ASN A 16 5.69 0.40 -0.36
N PRO A 17 4.93 1.36 0.21
CA PRO A 17 5.07 1.77 1.61
C PRO A 17 4.46 0.77 2.56
N CYS A 18 3.70 -0.12 1.94
CA CYS A 18 2.85 -1.04 2.66
C CYS A 18 3.64 -2.17 3.23
N CYS A 19 3.12 -2.68 4.35
CA CYS A 19 3.67 -3.87 4.97
C CYS A 19 3.58 -5.01 3.98
N ARG A 20 4.58 -5.87 4.08
CA ARG A 20 4.80 -6.93 3.09
C ARG A 20 3.63 -7.87 3.08
N GLY A 21 2.82 -7.66 2.05
CA GLY A 21 1.58 -8.39 1.88
C GLY A 21 0.48 -7.47 1.37
N LEU A 22 0.62 -6.19 1.68
CA LEU A 22 -0.33 -5.18 1.23
C LEU A 22 0.24 -4.46 0.05
N GLN A 23 -0.68 -4.03 -0.81
CA GLN A 23 -0.33 -3.30 -2.02
C GLN A 23 -1.02 -1.96 -2.00
N CYS A 24 -0.20 -0.96 -2.24
CA CYS A 24 -0.68 0.41 -2.41
C CYS A 24 -1.43 0.47 -3.71
N ARG A 25 -2.74 0.52 -3.56
CA ARG A 25 -3.66 0.58 -4.68
C ARG A 25 -3.86 2.01 -5.08
N TYR A 26 -4.60 2.17 -6.17
CA TYR A 26 -4.82 3.47 -6.80
C TYR A 26 -5.53 4.40 -5.84
N GLY A 27 -4.68 5.04 -5.04
CA GLY A 27 -5.15 6.04 -4.10
C GLY A 27 -4.91 5.64 -2.65
N LYS A 28 -4.85 4.33 -2.40
CA LYS A 28 -4.79 3.83 -1.03
C LYS A 28 -4.26 2.43 -1.01
N CYS A 29 -3.60 2.16 0.10
CA CYS A 29 -3.00 0.85 0.37
C CYS A 29 -4.07 -0.10 0.84
N LEU A 30 -4.08 -1.24 0.18
CA LEU A 30 -5.03 -2.30 0.49
C LEU A 30 -4.30 -3.62 0.55
N VAL A 31 -4.93 -4.54 1.27
CA VAL A 31 -4.39 -5.89 1.43
C VAL A 31 -4.48 -6.61 0.12
N GLN A 32 -3.29 -6.93 -0.40
CA GLN A 32 -3.17 -7.58 -1.69
C GLN A 32 -3.19 -9.07 -1.51
N VAL A 33 -3.87 -9.70 -2.46
CA VAL A 33 -3.93 -11.16 -2.53
C VAL A 33 -2.65 -11.64 -3.16
N ALA A 1 6.99 3.66 10.06
CA ALA A 1 5.64 3.08 9.95
C ALA A 1 5.33 2.77 8.51
N CYS A 2 4.87 1.53 8.33
CA CYS A 2 4.49 1.06 7.01
C CYS A 2 3.06 1.46 6.74
N GLY A 3 2.75 1.50 5.46
CA GLY A 3 1.39 1.71 5.02
C GLY A 3 0.47 0.62 5.56
N ILE A 4 -0.61 1.05 6.20
CA ILE A 4 -1.52 0.14 6.86
C ILE A 4 -2.68 -0.22 5.95
N LEU A 5 -3.59 -1.00 6.54
CA LEU A 5 -4.65 -1.74 5.84
C LEU A 5 -5.22 -1.02 4.63
N HIS A 6 -5.49 0.28 4.81
CA HIS A 6 -6.05 1.08 3.72
C HIS A 6 -5.47 2.47 3.76
N ASP A 7 -4.19 2.53 4.08
CA ASP A 7 -3.48 3.81 4.16
C ASP A 7 -3.22 4.31 2.76
N ASN A 8 -3.59 5.58 2.60
CA ASN A 8 -3.50 6.25 1.30
C ASN A 8 -2.07 6.36 0.86
N CYS A 9 -1.88 6.04 -0.41
CA CYS A 9 -0.55 6.02 -1.00
C CYS A 9 -0.64 6.27 -2.48
N VAL A 10 0.52 6.65 -3.01
CA VAL A 10 0.70 6.79 -4.45
C VAL A 10 1.15 5.47 -5.00
N TYR A 11 0.65 5.20 -6.21
CA TYR A 11 0.83 3.90 -6.85
C TYR A 11 2.27 3.69 -7.24
N VAL A 12 3.05 3.41 -6.20
CA VAL A 12 4.48 3.16 -6.34
C VAL A 12 4.80 1.85 -5.64
N PRO A 13 4.90 0.79 -6.46
CA PRO A 13 5.12 -0.58 -5.97
C PRO A 13 6.50 -0.79 -5.39
N ALA A 14 7.48 -0.45 -6.23
CA ALA A 14 8.89 -0.72 -5.92
C ALA A 14 9.33 -0.03 -4.65
N GLN A 15 8.77 1.16 -4.48
CA GLN A 15 9.07 1.99 -3.31
C GLN A 15 7.81 2.16 -2.48
N ASN A 16 7.03 1.08 -2.47
CA ASN A 16 5.76 1.05 -1.74
C ASN A 16 6.01 1.07 -0.26
N PRO A 17 5.68 2.23 0.37
CA PRO A 17 5.88 2.44 1.80
C PRO A 17 4.73 1.88 2.59
N CYS A 18 4.43 0.64 2.23
CA CYS A 18 3.27 -0.06 2.74
C CYS A 18 3.70 -1.47 3.06
N CYS A 19 3.12 -1.99 4.15
CA CYS A 19 3.50 -3.30 4.66
C CYS A 19 3.26 -4.37 3.61
N ARG A 20 4.17 -5.35 3.66
CA ARG A 20 4.20 -6.42 2.68
C ARG A 20 3.06 -7.35 2.92
N GLY A 21 2.27 -7.46 1.87
CA GLY A 21 1.01 -8.17 1.95
C GLY A 21 -0.14 -7.23 1.67
N LEU A 22 0.20 -5.95 1.55
CA LEU A 22 -0.75 -4.93 1.16
C LEU A 22 -0.33 -4.36 -0.17
N GLN A 23 -1.34 -4.14 -0.99
CA GLN A 23 -1.15 -3.61 -2.33
C GLN A 23 -1.54 -2.16 -2.37
N CYS A 24 -0.56 -1.35 -2.76
CA CYS A 24 -0.79 0.08 -2.92
C CYS A 24 -1.45 0.32 -4.24
N ARG A 25 -2.76 0.53 -4.14
CA ARG A 25 -3.59 0.80 -5.30
C ARG A 25 -3.78 2.28 -5.43
N TYR A 26 -4.22 2.67 -6.62
CA TYR A 26 -4.40 4.08 -6.97
C TYR A 26 -5.28 4.75 -5.95
N GLY A 27 -4.59 5.34 -4.98
CA GLY A 27 -5.24 6.02 -3.89
C GLY A 27 -4.74 5.56 -2.53
N LYS A 28 -4.73 4.25 -2.31
CA LYS A 28 -4.39 3.70 -1.00
C LYS A 28 -4.03 2.25 -1.08
N CYS A 29 -3.60 1.77 0.08
CA CYS A 29 -3.26 0.37 0.27
C CYS A 29 -4.51 -0.45 0.44
N LEU A 30 -4.44 -1.64 -0.14
CA LEU A 30 -5.47 -2.65 0.03
C LEU A 30 -4.82 -3.92 0.49
N VAL A 31 -5.37 -4.41 1.59
CA VAL A 31 -4.89 -5.65 2.20
C VAL A 31 -5.16 -6.84 1.29
N GLN A 32 -4.08 -7.25 0.63
CA GLN A 32 -4.07 -8.46 -0.19
C GLN A 32 -4.46 -9.63 0.66
N VAL A 33 -3.73 -9.70 1.76
CA VAL A 33 -3.88 -10.77 2.74
C VAL A 33 -5.03 -10.47 3.67
N ALA A 1 6.37 5.75 8.37
CA ALA A 1 5.01 5.16 8.28
C ALA A 1 4.93 4.14 7.18
N CYS A 2 4.57 2.94 7.62
CA CYS A 2 4.36 1.82 6.70
C CYS A 2 2.91 1.80 6.28
N GLY A 3 2.74 1.62 4.97
CA GLY A 3 1.43 1.61 4.36
C GLY A 3 0.55 0.49 4.86
N ILE A 4 -0.64 0.84 5.31
CA ILE A 4 -1.56 -0.11 5.92
C ILE A 4 -2.83 -0.23 5.12
N LEU A 5 -3.68 -1.11 5.64
CA LEU A 5 -4.89 -1.62 4.97
C LEU A 5 -5.85 -0.53 4.55
N HIS A 6 -5.60 0.68 5.06
CA HIS A 6 -6.42 1.84 4.70
C HIS A 6 -5.60 3.10 4.78
N ASP A 7 -4.42 2.99 4.19
CA ASP A 7 -3.52 4.12 4.08
C ASP A 7 -3.57 4.66 2.68
N ASN A 8 -3.98 5.93 2.61
CA ASN A 8 -4.04 6.66 1.34
C ASN A 8 -2.66 6.70 0.75
N CYS A 9 -2.54 5.97 -0.35
CA CYS A 9 -1.24 5.63 -0.92
C CYS A 9 -1.22 5.89 -2.40
N VAL A 10 -0.01 6.23 -2.84
CA VAL A 10 0.26 6.43 -4.27
C VAL A 10 0.89 5.17 -4.81
N TYR A 11 0.35 4.76 -5.96
CA TYR A 11 0.73 3.49 -6.59
C TYR A 11 2.16 3.55 -7.07
N VAL A 12 3.05 3.20 -6.14
CA VAL A 12 4.47 3.09 -6.43
C VAL A 12 5.00 1.79 -5.87
N PRO A 13 4.95 0.75 -6.71
CA PRO A 13 5.37 -0.62 -6.34
C PRO A 13 6.82 -0.70 -5.91
N ALA A 14 7.67 -0.09 -6.74
CA ALA A 14 9.12 -0.18 -6.55
C ALA A 14 9.51 0.35 -5.18
N GLN A 15 8.87 1.45 -4.84
CA GLN A 15 9.08 2.09 -3.54
C GLN A 15 7.83 1.94 -2.71
N ASN A 16 7.28 0.73 -2.79
CA ASN A 16 6.06 0.38 -2.05
C ASN A 16 6.26 0.64 -0.57
N PRO A 17 5.48 1.63 -0.09
CA PRO A 17 5.53 2.05 1.31
C PRO A 17 4.78 1.13 2.23
N CYS A 18 3.99 0.28 1.58
CA CYS A 18 3.09 -0.63 2.28
C CYS A 18 3.84 -1.80 2.81
N CYS A 19 3.31 -2.27 3.94
CA CYS A 19 3.87 -3.43 4.65
C CYS A 19 3.69 -4.67 3.79
N ARG A 20 4.47 -5.68 4.16
CA ARG A 20 4.50 -6.95 3.42
C ARG A 20 3.14 -7.59 3.46
N GLY A 21 2.62 -7.76 2.26
CA GLY A 21 1.31 -8.35 2.09
C GLY A 21 0.25 -7.30 1.83
N LEU A 22 0.66 -6.03 1.89
CA LEU A 22 -0.23 -4.93 1.56
C LEU A 22 0.07 -4.45 0.17
N GLN A 23 -1.02 -4.23 -0.55
CA GLN A 23 -0.97 -3.82 -1.94
C GLN A 23 -1.49 -2.40 -2.06
N CYS A 24 -0.54 -1.51 -2.35
CA CYS A 24 -0.87 -0.11 -2.56
C CYS A 24 -1.50 0.04 -3.91
N ARG A 25 -2.63 0.72 -3.87
CA ARG A 25 -3.37 1.09 -5.07
C ARG A 25 -3.40 2.59 -5.13
N TYR A 26 -3.33 3.11 -6.35
CA TYR A 26 -3.32 4.56 -6.57
C TYR A 26 -4.53 5.18 -5.92
N GLY A 27 -4.27 5.68 -4.72
CA GLY A 27 -5.31 6.23 -3.88
C GLY A 27 -5.21 5.72 -2.46
N LYS A 28 -5.18 4.40 -2.32
CA LYS A 28 -5.16 3.76 -1.00
C LYS A 28 -4.45 2.45 -1.08
N CYS A 29 -3.91 2.09 0.08
CA CYS A 29 -3.24 0.80 0.26
C CYS A 29 -4.23 -0.17 0.83
N LEU A 30 -4.28 -1.33 0.19
CA LEU A 30 -5.23 -2.37 0.56
C LEU A 30 -4.52 -3.65 0.84
N VAL A 31 -5.32 -4.60 1.32
CA VAL A 31 -4.85 -5.94 1.63
C VAL A 31 -4.72 -6.71 0.35
N GLN A 32 -3.47 -7.01 0.02
CA GLN A 32 -3.12 -7.73 -1.19
C GLN A 32 -3.77 -9.09 -1.19
N VAL A 33 -4.57 -9.27 -2.23
CA VAL A 33 -5.38 -10.48 -2.40
C VAL A 33 -4.63 -11.47 -3.24
N ALA A 1 7.08 3.38 9.94
CA ALA A 1 5.62 3.33 9.73
C ALA A 1 5.31 3.01 8.29
N CYS A 2 4.80 1.80 8.12
CA CYS A 2 4.46 1.29 6.79
C CYS A 2 3.03 1.64 6.47
N GLY A 3 2.77 1.66 5.17
CA GLY A 3 1.42 1.82 4.68
C GLY A 3 0.55 0.66 5.10
N ILE A 4 -0.67 0.96 5.50
CA ILE A 4 -1.58 -0.03 6.05
C ILE A 4 -2.79 -0.21 5.16
N LEU A 5 -3.58 -1.20 5.61
CA LEU A 5 -4.74 -1.72 4.87
C LEU A 5 -5.78 -0.66 4.55
N HIS A 6 -5.56 0.52 5.11
CA HIS A 6 -6.43 1.66 4.85
C HIS A 6 -5.64 2.94 4.94
N ASP A 7 -4.51 2.91 4.27
CA ASP A 7 -3.64 4.09 4.17
C ASP A 7 -3.59 4.54 2.74
N ASN A 8 -3.74 5.85 2.59
CA ASN A 8 -3.73 6.48 1.27
C ASN A 8 -2.31 6.56 0.76
N CYS A 9 -2.17 6.15 -0.50
CA CYS A 9 -0.86 6.10 -1.14
C CYS A 9 -1.00 6.03 -2.64
N VAL A 10 0.10 6.35 -3.30
CA VAL A 10 0.17 6.27 -4.76
C VAL A 10 0.71 4.93 -5.16
N TYR A 11 0.28 4.51 -6.35
CA TYR A 11 0.54 3.17 -6.87
C TYR A 11 2.01 3.03 -7.24
N VAL A 12 2.82 2.88 -6.20
CA VAL A 12 4.25 2.69 -6.37
C VAL A 12 4.72 1.47 -5.61
N PRO A 13 4.32 0.29 -6.12
CA PRO A 13 4.68 -1.00 -5.51
C PRO A 13 6.18 -1.21 -5.48
N ALA A 14 6.80 -0.64 -6.51
CA ALA A 14 8.26 -0.69 -6.67
C ALA A 14 8.95 -0.23 -5.40
N GLN A 15 8.35 0.80 -4.84
CA GLN A 15 8.83 1.38 -3.58
C GLN A 15 7.70 1.36 -2.60
N ASN A 16 7.07 0.18 -2.56
CA ASN A 16 5.88 -0.07 -1.74
C ASN A 16 6.12 0.39 -0.32
N PRO A 17 5.37 1.45 0.06
CA PRO A 17 5.47 2.05 1.41
C PRO A 17 4.77 1.23 2.45
N CYS A 18 3.89 0.38 1.95
CA CYS A 18 3.05 -0.46 2.79
C CYS A 18 3.83 -1.65 3.26
N CYS A 19 3.31 -2.25 4.33
CA CYS A 19 3.87 -3.49 4.85
C CYS A 19 3.63 -4.59 3.85
N ARG A 20 4.65 -5.45 3.78
CA ARG A 20 4.69 -6.54 2.81
C ARG A 20 3.52 -7.46 3.03
N GLY A 21 2.69 -7.48 1.99
CA GLY A 21 1.45 -8.21 2.04
C GLY A 21 0.27 -7.31 1.74
N LEU A 22 0.55 -6.01 1.69
CA LEU A 22 -0.46 -5.01 1.37
C LEU A 22 -0.20 -4.45 -0.01
N GLN A 23 -1.30 -4.25 -0.70
CA GLN A 23 -1.29 -3.77 -2.08
C GLN A 23 -1.69 -2.32 -2.11
N CYS A 24 -0.66 -1.50 -2.25
CA CYS A 24 -0.84 -0.05 -2.36
C CYS A 24 -1.30 0.28 -3.75
N ARG A 25 -2.59 0.61 -3.82
CA ARG A 25 -3.22 1.01 -5.07
C ARG A 25 -3.34 2.49 -5.08
N TYR A 26 -3.30 3.03 -6.30
CA TYR A 26 -3.35 4.47 -6.53
C TYR A 26 -4.50 5.07 -5.78
N GLY A 27 -4.12 5.66 -4.65
CA GLY A 27 -5.07 6.30 -3.79
C GLY A 27 -5.10 5.66 -2.42
N LYS A 28 -5.23 4.34 -2.39
CA LYS A 28 -5.46 3.62 -1.15
C LYS A 28 -4.74 2.30 -1.18
N CYS A 29 -4.08 2.05 -0.06
CA CYS A 29 -3.39 0.80 0.17
C CYS A 29 -4.36 -0.18 0.78
N LEU A 30 -4.48 -1.31 0.08
CA LEU A 30 -5.39 -2.36 0.49
C LEU A 30 -4.62 -3.61 0.82
N VAL A 31 -5.38 -4.58 1.32
CA VAL A 31 -4.82 -5.88 1.65
C VAL A 31 -4.75 -6.70 0.40
N GLN A 32 -3.52 -7.07 0.07
CA GLN A 32 -3.23 -7.90 -1.09
C GLN A 32 -3.75 -9.29 -0.78
N VAL A 33 -4.98 -9.51 -1.22
CA VAL A 33 -5.66 -10.78 -1.00
C VAL A 33 -5.69 -11.57 -2.29
N ALA A 1 5.17 3.81 10.53
CA ALA A 1 3.83 3.60 9.94
C ALA A 1 3.95 3.26 8.48
N CYS A 2 3.78 1.97 8.22
CA CYS A 2 3.80 1.46 6.86
C CYS A 2 2.44 1.65 6.25
N GLY A 3 2.42 1.47 4.93
CA GLY A 3 1.17 1.47 4.21
C GLY A 3 0.26 0.36 4.67
N ILE A 4 -0.91 0.75 5.16
CA ILE A 4 -1.90 -0.18 5.69
C ILE A 4 -3.16 -0.11 4.85
N LEU A 5 -4.11 -0.97 5.25
CA LEU A 5 -5.26 -1.32 4.42
C LEU A 5 -6.29 -0.21 4.31
N HIS A 6 -5.87 0.98 4.72
CA HIS A 6 -6.67 2.18 4.53
C HIS A 6 -5.80 3.41 4.63
N ASP A 7 -4.56 3.21 4.19
CA ASP A 7 -3.57 4.29 4.20
C ASP A 7 -3.44 4.84 2.81
N ASN A 8 -3.53 6.17 2.76
CA ASN A 8 -3.38 6.91 1.49
C ASN A 8 -2.01 6.64 0.92
N CYS A 9 -2.05 6.01 -0.24
CA CYS A 9 -0.85 5.54 -0.88
C CYS A 9 -0.92 5.81 -2.36
N VAL A 10 0.21 6.30 -2.85
CA VAL A 10 0.39 6.53 -4.28
C VAL A 10 1.03 5.30 -4.88
N TYR A 11 0.62 5.04 -6.11
CA TYR A 11 1.01 3.84 -6.84
C TYR A 11 2.51 3.78 -7.05
N VAL A 12 3.17 3.35 -5.98
CA VAL A 12 4.61 3.10 -6.00
C VAL A 12 4.89 1.71 -5.49
N PRO A 13 4.97 0.77 -6.43
CA PRO A 13 5.28 -0.63 -6.12
C PRO A 13 6.74 -0.81 -5.74
N ALA A 14 7.57 -0.25 -6.63
CA ALA A 14 9.03 -0.33 -6.49
C ALA A 14 9.51 0.48 -5.31
N GLN A 15 8.55 1.18 -4.74
CA GLN A 15 8.80 2.02 -3.58
C GLN A 15 7.66 1.87 -2.61
N ASN A 16 7.19 0.61 -2.55
CA ASN A 16 6.05 0.24 -1.72
C ASN A 16 6.32 0.57 -0.28
N PRO A 17 5.52 1.53 0.24
CA PRO A 17 5.61 2.02 1.63
C PRO A 17 4.84 1.14 2.57
N CYS A 18 4.08 0.25 1.95
CA CYS A 18 3.17 -0.64 2.66
C CYS A 18 3.92 -1.77 3.28
N CYS A 19 3.28 -2.36 4.28
CA CYS A 19 3.81 -3.57 4.88
C CYS A 19 3.63 -4.69 3.89
N ARG A 20 4.72 -5.42 3.74
CA ARG A 20 4.85 -6.46 2.72
C ARG A 20 3.75 -7.49 2.87
N GLY A 21 2.86 -7.41 1.91
CA GLY A 21 1.66 -8.23 1.93
C GLY A 21 0.44 -7.42 1.55
N LEU A 22 0.57 -6.10 1.68
CA LEU A 22 -0.49 -5.19 1.31
C LEU A 22 -0.14 -4.50 0.01
N GLN A 23 -1.17 -4.38 -0.81
CA GLN A 23 -1.05 -3.79 -2.14
C GLN A 23 -1.40 -2.34 -2.06
N CYS A 24 -0.52 -1.54 -2.66
CA CYS A 24 -0.75 -0.12 -2.78
C CYS A 24 -1.46 0.14 -4.08
N ARG A 25 -2.71 0.55 -3.93
CA ARG A 25 -3.58 0.83 -5.05
C ARG A 25 -3.78 2.31 -5.15
N TYR A 26 -4.06 2.73 -6.39
CA TYR A 26 -4.26 4.14 -6.73
C TYR A 26 -5.19 4.80 -5.75
N GLY A 27 -4.57 5.46 -4.78
CA GLY A 27 -5.30 6.17 -3.77
C GLY A 27 -4.98 5.68 -2.38
N LYS A 28 -5.05 4.37 -2.19
CA LYS A 28 -4.89 3.78 -0.86
C LYS A 28 -4.25 2.43 -0.96
N CYS A 29 -3.64 2.08 0.16
CA CYS A 29 -3.06 0.76 0.33
C CYS A 29 -4.11 -0.13 0.93
N LEU A 30 -4.04 -1.39 0.55
CA LEU A 30 -5.01 -2.39 1.00
C LEU A 30 -4.37 -3.74 1.06
N VAL A 31 -5.04 -4.62 1.81
CA VAL A 31 -4.58 -5.99 1.99
C VAL A 31 -4.84 -6.78 0.73
N GLN A 32 -3.74 -7.21 0.13
CA GLN A 32 -3.76 -7.91 -1.15
C GLN A 32 -4.15 -9.35 -0.93
N VAL A 33 -5.29 -9.48 -0.26
CA VAL A 33 -5.84 -10.78 0.12
C VAL A 33 -6.85 -11.22 -0.91
N ALA A 1 7.00 5.14 8.37
CA ALA A 1 5.55 4.87 8.30
C ALA A 1 5.28 3.76 7.33
N CYS A 2 4.79 2.67 7.90
CA CYS A 2 4.39 1.51 7.11
C CYS A 2 2.97 1.67 6.67
N GLY A 3 2.79 1.58 5.37
CA GLY A 3 1.48 1.70 4.77
C GLY A 3 0.57 0.57 5.16
N ILE A 4 -0.62 0.92 5.62
CA ILE A 4 -1.57 -0.07 6.11
C ILE A 4 -2.77 -0.13 5.19
N LEU A 5 -3.55 -1.18 5.46
CA LEU A 5 -4.68 -1.59 4.61
C LEU A 5 -5.73 -0.51 4.47
N HIS A 6 -5.52 0.58 5.18
CA HIS A 6 -6.41 1.73 5.09
C HIS A 6 -5.60 2.99 5.25
N ASP A 7 -4.54 3.04 4.45
CA ASP A 7 -3.72 4.24 4.33
C ASP A 7 -3.75 4.68 2.90
N ASN A 8 -3.30 5.91 2.68
CA ASN A 8 -3.41 6.54 1.38
C ASN A 8 -2.05 6.65 0.74
N CYS A 9 -2.00 6.09 -0.47
CA CYS A 9 -0.73 5.95 -1.20
C CYS A 9 -1.01 5.68 -2.65
N VAL A 10 -0.01 6.02 -3.46
CA VAL A 10 -0.09 5.86 -4.92
C VAL A 10 0.59 4.58 -5.33
N TYR A 11 0.10 4.06 -6.45
CA TYR A 11 0.56 2.78 -6.98
C TYR A 11 1.91 2.94 -7.64
N VAL A 12 2.91 3.00 -6.76
CA VAL A 12 4.30 3.00 -7.16
C VAL A 12 5.00 1.86 -6.47
N PRO A 13 5.22 0.79 -7.27
CA PRO A 13 5.73 -0.50 -6.78
C PRO A 13 7.00 -0.38 -5.97
N ALA A 14 7.96 0.30 -6.59
CA ALA A 14 9.29 0.46 -6.00
C ALA A 14 9.24 1.21 -4.71
N GLN A 15 8.14 1.94 -4.55
CA GLN A 15 7.95 2.77 -3.37
C GLN A 15 6.65 2.42 -2.70
N ASN A 16 6.35 1.12 -2.74
CA ASN A 16 5.21 0.57 -2.03
C ASN A 16 5.51 0.59 -0.55
N PRO A 17 4.86 1.53 0.16
CA PRO A 17 5.16 1.84 1.56
C PRO A 17 4.54 0.88 2.53
N CYS A 18 3.68 0.05 1.96
CA CYS A 18 2.83 -0.83 2.73
C CYS A 18 3.59 -2.02 3.23
N CYS A 19 3.17 -2.41 4.43
CA CYS A 19 3.70 -3.58 5.10
C CYS A 19 3.57 -4.77 4.21
N ARG A 20 4.63 -5.58 4.23
CA ARG A 20 4.76 -6.75 3.36
C ARG A 20 3.50 -7.59 3.40
N GLY A 21 2.80 -7.51 2.27
CA GLY A 21 1.53 -8.18 2.11
C GLY A 21 0.45 -7.22 1.64
N LEU A 22 0.70 -5.94 1.86
CA LEU A 22 -0.23 -4.89 1.45
C LEU A 22 0.30 -4.22 0.22
N GLN A 23 -0.65 -3.82 -0.62
CA GLN A 23 -0.34 -3.21 -1.90
C GLN A 23 -1.25 -2.03 -2.12
N CYS A 24 -0.63 -0.96 -2.58
CA CYS A 24 -1.34 0.30 -2.82
C CYS A 24 -2.11 0.27 -4.10
N ARG A 25 -3.38 0.65 -3.95
CA ARG A 25 -4.18 1.12 -5.06
C ARG A 25 -3.85 2.57 -5.20
N TYR A 26 -3.86 3.05 -6.44
CA TYR A 26 -3.53 4.45 -6.74
C TYR A 26 -4.46 5.38 -6.00
N GLY A 27 -4.11 5.57 -4.73
CA GLY A 27 -4.90 6.38 -3.83
C GLY A 27 -4.86 5.83 -2.42
N LYS A 28 -5.03 4.52 -2.29
CA LYS A 28 -5.09 3.88 -0.98
C LYS A 28 -4.56 2.48 -1.05
N CYS A 29 -3.97 2.09 0.07
CA CYS A 29 -3.37 0.78 0.23
C CYS A 29 -4.44 -0.24 0.52
N LEU A 30 -4.19 -1.43 -0.02
CA LEU A 30 -5.13 -2.54 0.07
C LEU A 30 -4.41 -3.80 0.49
N VAL A 31 -5.22 -4.72 0.99
CA VAL A 31 -4.74 -6.04 1.41
C VAL A 31 -4.61 -6.92 0.21
N GLN A 32 -3.35 -7.12 -0.16
CA GLN A 32 -3.02 -7.97 -1.29
C GLN A 32 -3.05 -9.41 -0.83
N VAL A 33 -4.15 -10.05 -1.20
CA VAL A 33 -4.37 -11.45 -0.87
C VAL A 33 -5.14 -12.11 -1.99
N ALA A 1 6.41 3.80 9.94
CA ALA A 1 5.18 3.00 9.82
C ALA A 1 4.87 2.71 8.38
N CYS A 2 4.88 1.42 8.08
CA CYS A 2 4.54 0.93 6.75
C CYS A 2 3.07 1.15 6.50
N GLY A 3 2.77 1.32 5.21
CA GLY A 3 1.41 1.54 4.77
C GLY A 3 0.48 0.42 5.19
N ILE A 4 -0.59 0.80 5.89
CA ILE A 4 -1.54 -0.15 6.43
C ILE A 4 -2.69 -0.37 5.48
N LEU A 5 -3.56 -1.28 5.93
CA LEU A 5 -4.62 -1.89 5.12
C LEU A 5 -5.48 -0.89 4.37
N HIS A 6 -5.42 0.36 4.82
CA HIS A 6 -6.16 1.44 4.19
C HIS A 6 -5.43 2.75 4.36
N ASP A 7 -4.15 2.69 4.06
CA ASP A 7 -3.28 3.87 4.12
C ASP A 7 -3.27 4.55 2.77
N ASN A 8 -3.28 5.87 2.82
CA ASN A 8 -3.34 6.69 1.62
C ASN A 8 -2.01 6.72 0.94
N CYS A 9 -2.04 6.34 -0.32
CA CYS A 9 -0.82 6.25 -1.14
C CYS A 9 -1.19 5.89 -2.56
N VAL A 10 -0.38 6.46 -3.45
CA VAL A 10 -0.54 6.21 -4.89
C VAL A 10 0.04 4.88 -5.25
N TYR A 11 -0.28 4.49 -6.49
CA TYR A 11 0.10 3.17 -7.00
C TYR A 11 1.55 3.17 -7.37
N VAL A 12 2.36 3.10 -6.32
CA VAL A 12 3.80 3.01 -6.45
C VAL A 12 4.30 1.73 -5.80
N PRO A 13 4.30 0.65 -6.60
CA PRO A 13 4.69 -0.68 -6.12
C PRO A 13 6.18 -0.85 -6.00
N ALA A 14 6.89 -0.13 -6.88
CA ALA A 14 8.36 -0.22 -6.97
C ALA A 14 8.97 0.00 -5.61
N GLN A 15 8.41 1.00 -4.96
CA GLN A 15 8.76 1.31 -3.58
C GLN A 15 7.49 1.30 -2.77
N ASN A 16 6.85 0.14 -2.82
CA ASN A 16 5.60 -0.10 -2.09
C ASN A 16 5.84 0.04 -0.60
N PRO A 17 5.28 1.14 -0.06
CA PRO A 17 5.52 1.58 1.33
C PRO A 17 4.73 0.83 2.36
N CYS A 18 3.83 0.01 1.83
CA CYS A 18 2.91 -0.73 2.66
C CYS A 18 3.58 -1.93 3.25
N CYS A 19 3.01 -2.34 4.38
CA CYS A 19 3.50 -3.49 5.14
C CYS A 19 3.44 -4.70 4.26
N ARG A 20 4.37 -5.62 4.55
CA ARG A 20 4.58 -6.81 3.73
C ARG A 20 3.34 -7.65 3.70
N GLY A 21 2.62 -7.48 2.60
CA GLY A 21 1.34 -8.14 2.41
C GLY A 21 0.28 -7.17 1.98
N LEU A 22 0.65 -5.89 1.90
CA LEU A 22 -0.24 -4.83 1.48
C LEU A 22 0.36 -4.12 0.30
N GLN A 23 -0.51 -3.58 -0.53
CA GLN A 23 -0.10 -2.92 -1.76
C GLN A 23 -0.94 -1.69 -2.00
N CYS A 24 -0.22 -0.62 -2.34
CA CYS A 24 -0.85 0.66 -2.64
C CYS A 24 -1.58 0.60 -3.97
N ARG A 25 -2.88 0.82 -3.85
CA ARG A 25 -3.74 1.01 -5.00
C ARG A 25 -3.84 2.49 -5.24
N TYR A 26 -4.16 2.82 -6.49
CA TYR A 26 -4.27 4.21 -6.93
C TYR A 26 -5.20 4.97 -6.00
N GLY A 27 -4.56 5.59 -5.02
CA GLY A 27 -5.26 6.38 -4.04
C GLY A 27 -4.97 5.93 -2.62
N LYS A 28 -5.02 4.61 -2.40
CA LYS A 28 -4.86 4.05 -1.07
C LYS A 28 -4.47 2.61 -1.16
N CYS A 29 -3.87 2.18 -0.06
CA CYS A 29 -3.31 0.84 0.07
C CYS A 29 -4.42 -0.14 0.35
N LEU A 30 -4.25 -1.31 -0.25
CA LEU A 30 -5.21 -2.39 -0.12
C LEU A 30 -4.51 -3.66 0.30
N VAL A 31 -5.34 -4.54 0.84
CA VAL A 31 -4.89 -5.83 1.34
C VAL A 31 -4.72 -6.82 0.21
N GLN A 32 -3.48 -7.25 0.06
CA GLN A 32 -3.12 -8.25 -0.94
C GLN A 32 -3.62 -9.59 -0.53
N VAL A 33 -4.90 -9.80 -0.83
CA VAL A 33 -5.52 -11.10 -0.67
C VAL A 33 -5.14 -11.97 -1.85
N ALA A 1 8.16 3.12 9.08
CA ALA A 1 6.95 2.34 9.39
C ALA A 1 6.16 2.09 8.13
N CYS A 2 5.59 0.89 8.08
CA CYS A 2 4.83 0.45 6.91
C CYS A 2 3.43 1.01 6.97
N GLY A 3 2.91 1.27 5.77
CA GLY A 3 1.53 1.68 5.61
C GLY A 3 0.58 0.51 5.85
N ILE A 4 -0.64 0.83 6.27
CA ILE A 4 -1.61 -0.20 6.64
C ILE A 4 -2.63 -0.42 5.55
N LEU A 5 -3.41 -1.48 5.84
CA LEU A 5 -4.36 -2.11 4.90
C LEU A 5 -5.41 -1.16 4.36
N HIS A 6 -5.35 0.08 4.83
CA HIS A 6 -6.26 1.11 4.34
C HIS A 6 -5.66 2.47 4.55
N ASP A 7 -4.43 2.59 4.10
CA ASP A 7 -3.73 3.88 4.14
C ASP A 7 -3.81 4.50 2.76
N ASN A 8 -3.07 5.60 2.62
CA ASN A 8 -3.09 6.41 1.40
C ASN A 8 -1.74 6.33 0.74
N CYS A 9 -1.80 6.06 -0.57
CA CYS A 9 -0.58 5.92 -1.36
C CYS A 9 -0.92 5.70 -2.81
N VAL A 10 0.01 6.15 -3.63
CA VAL A 10 -0.05 5.96 -5.07
C VAL A 10 0.55 4.62 -5.42
N TYR A 11 0.09 4.10 -6.56
CA TYR A 11 0.52 2.80 -7.04
C TYR A 11 1.95 2.88 -7.52
N VAL A 12 2.84 2.88 -6.54
CA VAL A 12 4.27 2.81 -6.79
C VAL A 12 4.86 1.68 -5.98
N PRO A 13 5.07 0.54 -6.67
CA PRO A 13 5.57 -0.68 -6.04
C PRO A 13 6.97 -0.52 -5.48
N ALA A 14 7.77 0.18 -6.29
CA ALA A 14 9.18 0.42 -5.98
C ALA A 14 9.33 1.07 -4.63
N GLN A 15 8.33 1.88 -4.32
CA GLN A 15 8.29 2.60 -3.06
C GLN A 15 6.99 2.35 -2.37
N ASN A 16 6.65 1.06 -2.31
CA ASN A 16 5.49 0.60 -1.53
C ASN A 16 5.78 0.81 -0.06
N PRO A 17 5.06 1.79 0.52
CA PRO A 17 5.28 2.19 1.90
C PRO A 17 4.64 1.26 2.90
N CYS A 18 3.71 0.47 2.36
CA CYS A 18 2.90 -0.42 3.17
C CYS A 18 3.65 -1.67 3.51
N CYS A 19 3.12 -2.33 4.54
CA CYS A 19 3.66 -3.61 4.98
C CYS A 19 3.52 -4.61 3.85
N ARG A 20 4.51 -5.50 3.84
CA ARG A 20 4.66 -6.47 2.77
C ARG A 20 3.54 -7.47 2.82
N GLY A 21 2.72 -7.36 1.78
CA GLY A 21 1.49 -8.10 1.70
C GLY A 21 0.32 -7.17 1.45
N LEU A 22 0.61 -5.87 1.50
CA LEU A 22 -0.39 -4.85 1.24
C LEU A 22 -0.09 -4.20 -0.09
N GLN A 23 -1.17 -3.86 -0.77
CA GLN A 23 -1.10 -3.31 -2.11
C GLN A 23 -1.55 -1.88 -2.11
N CYS A 24 -0.65 -1.05 -2.64
CA CYS A 24 -0.94 0.35 -2.87
C CYS A 24 -1.53 0.53 -4.23
N ARG A 25 -2.85 0.70 -4.22
CA ARG A 25 -3.60 1.00 -5.43
C ARG A 25 -3.71 2.49 -5.56
N TYR A 26 -4.16 2.88 -6.76
CA TYR A 26 -4.22 4.30 -7.14
C TYR A 26 -5.03 5.08 -6.13
N GLY A 27 -4.28 5.59 -5.16
CA GLY A 27 -4.87 6.44 -4.15
C GLY A 27 -4.80 5.82 -2.76
N LYS A 28 -5.01 4.51 -2.68
CA LYS A 28 -5.18 3.88 -1.38
C LYS A 28 -4.49 2.54 -1.33
N CYS A 29 -4.04 2.27 -0.12
CA CYS A 29 -3.40 1.01 0.23
C CYS A 29 -4.45 0.11 0.81
N LEU A 30 -4.40 -1.14 0.38
CA LEU A 30 -5.33 -2.14 0.83
C LEU A 30 -4.63 -3.45 1.01
N VAL A 31 -5.25 -4.28 1.85
CA VAL A 31 -4.74 -5.62 2.12
C VAL A 31 -4.96 -6.48 0.91
N GLN A 32 -3.83 -6.99 0.43
CA GLN A 32 -3.81 -7.84 -0.74
C GLN A 32 -3.97 -9.27 -0.31
N VAL A 33 -4.93 -9.91 -0.97
CA VAL A 33 -5.25 -11.30 -0.69
C VAL A 33 -4.25 -12.21 -1.35
N ALA A 1 7.14 3.48 9.85
CA ALA A 1 5.84 2.76 9.81
C ALA A 1 5.44 2.53 8.38
N CYS A 2 5.02 1.29 8.13
CA CYS A 2 4.62 0.87 6.80
C CYS A 2 3.14 1.11 6.60
N GLY A 3 2.81 1.31 5.33
CA GLY A 3 1.44 1.58 4.93
C GLY A 3 0.53 0.40 5.15
N ILE A 4 -0.72 0.70 5.47
CA ILE A 4 -1.71 -0.32 5.82
C ILE A 4 -2.96 -0.15 4.97
N LEU A 5 -3.83 -1.15 5.15
CA LEU A 5 -5.03 -1.34 4.31
C LEU A 5 -6.01 -0.19 4.45
N HIS A 6 -5.64 0.77 5.28
CA HIS A 6 -6.42 1.99 5.46
C HIS A 6 -5.51 3.18 5.60
N ASP A 7 -4.55 3.18 4.69
CA ASP A 7 -3.61 4.29 4.55
C ASP A 7 -3.47 4.60 3.07
N ASN A 8 -3.64 5.88 2.77
CA ASN A 8 -3.59 6.35 1.38
C ASN A 8 -2.19 6.27 0.86
N CYS A 9 -2.10 6.02 -0.45
CA CYS A 9 -0.82 5.71 -1.08
C CYS A 9 -0.88 5.95 -2.56
N VAL A 10 0.32 6.08 -3.12
CA VAL A 10 0.51 6.31 -4.55
C VAL A 10 0.80 4.99 -5.23
N TYR A 11 0.42 4.97 -6.50
CA TYR A 11 0.59 3.79 -7.36
C TYR A 11 2.04 3.59 -7.71
N VAL A 12 2.79 3.22 -6.68
CA VAL A 12 4.21 2.92 -6.82
C VAL A 12 4.56 1.68 -6.01
N PRO A 13 4.29 0.51 -6.62
CA PRO A 13 4.55 -0.80 -6.00
C PRO A 13 6.02 -1.07 -5.83
N ALA A 14 6.77 -0.51 -6.80
CA ALA A 14 8.22 -0.69 -6.88
C ALA A 14 8.88 -0.46 -5.55
N GLN A 15 8.32 0.52 -4.85
CA GLN A 15 8.74 0.83 -3.50
C GLN A 15 7.54 1.18 -2.68
N ASN A 16 6.63 0.20 -2.65
CA ASN A 16 5.43 0.30 -1.85
C ASN A 16 5.79 0.41 -0.39
N PRO A 17 5.31 1.51 0.23
CA PRO A 17 5.60 1.85 1.63
C PRO A 17 4.86 0.96 2.60
N CYS A 18 4.02 0.14 2.00
CA CYS A 18 3.11 -0.71 2.74
C CYS A 18 3.81 -1.92 3.28
N CYS A 19 3.25 -2.38 4.39
CA CYS A 19 3.75 -3.58 5.07
C CYS A 19 3.62 -4.75 4.13
N ARG A 20 4.61 -5.64 4.25
CA ARG A 20 4.68 -6.84 3.41
C ARG A 20 3.41 -7.63 3.55
N GLY A 21 2.66 -7.61 2.46
CA GLY A 21 1.34 -8.19 2.43
C GLY A 21 0.32 -7.22 1.90
N LEU A 22 0.65 -5.94 1.94
CA LEU A 22 -0.21 -4.88 1.44
C LEU A 22 0.25 -4.46 0.07
N GLN A 23 -0.62 -3.72 -0.60
CA GLN A 23 -0.33 -3.17 -1.92
C GLN A 23 -1.09 -1.89 -2.11
N CYS A 24 -0.39 -0.93 -2.70
CA CYS A 24 -0.96 0.38 -2.97
C CYS A 24 -1.81 0.34 -4.21
N ARG A 25 -3.06 0.69 -3.98
CA ARG A 25 -4.03 0.88 -5.05
C ARG A 25 -4.08 2.36 -5.33
N TYR A 26 -4.55 2.67 -6.54
CA TYR A 26 -4.65 4.05 -7.02
C TYR A 26 -5.52 4.84 -6.07
N GLY A 27 -4.82 5.42 -5.11
CA GLY A 27 -5.45 6.23 -4.09
C GLY A 27 -5.01 5.84 -2.71
N LYS A 28 -4.97 4.53 -2.43
CA LYS A 28 -4.68 4.04 -1.09
C LYS A 28 -4.24 2.61 -1.12
N CYS A 29 -3.68 2.23 0.02
CA CYS A 29 -3.11 0.91 0.21
C CYS A 29 -4.19 -0.05 0.66
N LEU A 30 -4.16 -1.20 0.02
CA LEU A 30 -5.11 -2.27 0.29
C LEU A 30 -4.38 -3.56 0.48
N VAL A 31 -5.16 -4.57 0.85
CA VAL A 31 -4.62 -5.90 1.13
C VAL A 31 -4.53 -6.70 -0.14
N GLN A 32 -3.48 -7.51 -0.16
CA GLN A 32 -3.24 -8.43 -1.26
C GLN A 32 -4.11 -9.65 -1.08
N VAL A 33 -5.27 -9.58 -1.71
CA VAL A 33 -6.25 -10.66 -1.64
C VAL A 33 -5.83 -11.77 -2.57
#